data_8RYO
#
_entry.id   8RYO
#
_cell.length_a   80.133
_cell.length_b   48.854
_cell.length_c   124.210
_cell.angle_alpha   90.00
_cell.angle_beta   92.84
_cell.angle_gamma   90.00
#
_symmetry.space_group_name_H-M   'P 1 21 1'
#
loop_
_entity.id
_entity.type
_entity.pdbx_description
1 polymer 'HLA class I histocompatibility antigen, A alpha chain'
2 polymer Beta-2-microglobulin
3 polymer 'ELFSYLIEK peptide'
4 polymer 'TCR alpha'
5 polymer 'TCR beta'
6 non-polymer 2-[2-(2-METHOXY-ETHOXY)-ETHOXY]-ETHOXYL
7 non-polymer 1,2-ETHANEDIOL
8 non-polymer 'PHOSPHATE ION'
9 water water
#
loop_
_entity_poly.entity_id
_entity_poly.type
_entity_poly.pdbx_seq_one_letter_code
_entity_poly.pdbx_strand_id
1 'polypeptide(L)'
;GSHSMRYFFTSVSRPGRGEPRFIAVGYVDDTQFVRFDSDAASQRMEPRAPWIEQEGPEYWDQETRNVKAQSQTDRVDLGT
LRGYYNQSEAGSHTIQIMYGCDVGSDGRFLRGYRQDAYDGKDYIALNEDLRSWTAADMAAQITKRKWEAAHEAEQLRAYL
DGTCVEWLRRYLENGKETLQRTDPPKTHMTHHPISDHEATLRCWALGFYPAEITLTWQRDGEDQTQDTELVETRPAGDGT
FQKWAAVVVPSGEEQRYTCHVQHEGLPKPLTLRWEP
;
A
2 'polypeptide(L)'
;MIQRTPKIQVYSRHPAENGKSNFLNCYVSGFHPSDIEVDLLKNGERIEKVEHSDLSFSKDWSFYLLYYTEFTPTEKDEYA
CRVNHVTLSQPKIVKWDRDM
;
B
3 'polypeptide(L)' ELFSYLIEK C
4 'polypeptide(L)'
;MAQEVTQIPAALSVPEGENLVLNCSFTLRWIYNLQWFRQDPGKGLTSLLLIQSSQREQTSGRLNASLDKSSGRSTLYIAA
SQPGDSATYLCAVNNAGNMLTFGGGTRLMVKPHIQNPDPAVYQLRDSKSSDKSVCLFTDFDSQTNVSQSKDSDVYITDKC
VLDMRSMDFKSNSAVAWSNKSDFACANAFNNSIIPEDT
;
D
5 'polypeptide(L)'
;MNAGVTQTPKFRILKIGQSMTLQCTQDMNHNYMYWYRQDPGMGLKLIYYSVGAGITDKGEVPNGYNVSRSTTEDFPLRLE
SAAPSQTSVYFCASSETRGAPYGYTFGSGTRLTVVEDLNKVFPPEVAVFEPSEAEISHTQKATLVCLATGFYPDHVELSW
WVNGKEVHSGVCTDPQPLKEQPALNDSRYALSSRLRVSATFWQDPRNHFRCQVQFYGLSENDEWTQDRAKPVTQIVSAEA
WGRAD
;
E
#
# COMPACT_ATOMS: atom_id res chain seq x y z
N GLY A 1 -0.65 11.55 36.57
CA GLY A 1 -0.38 10.08 36.61
C GLY A 1 0.29 9.59 35.34
N SER A 2 0.67 8.30 35.31
CA SER A 2 1.23 7.62 34.11
C SER A 2 0.08 7.32 33.15
N HIS A 3 0.36 7.22 31.84
CA HIS A 3 -0.66 7.03 30.78
C HIS A 3 -0.16 5.98 29.77
N SER A 4 -1.10 5.39 29.02
CA SER A 4 -0.84 4.34 28.01
C SER A 4 -1.63 4.65 26.74
N MET A 5 -1.06 4.31 25.58
CA MET A 5 -1.81 4.13 24.31
C MET A 5 -1.71 2.65 23.92
N ARG A 6 -2.84 2.03 23.62
CA ARG A 6 -2.93 0.59 23.29
C ARG A 6 -3.84 0.42 22.07
N TYR A 7 -3.46 -0.48 21.17
CA TYR A 7 -4.32 -0.96 20.07
C TYR A 7 -4.60 -2.44 20.33
N PHE A 8 -5.86 -2.84 20.18
CA PHE A 8 -6.35 -4.23 20.32
C PHE A 8 -6.93 -4.68 18.98
N PHE A 9 -6.57 -5.87 18.51
CA PHE A 9 -7.06 -6.45 17.24
C PHE A 9 -7.58 -7.86 17.51
N THR A 10 -8.81 -8.14 17.05
CA THR A 10 -9.44 -9.48 17.08
C THR A 10 -9.78 -9.87 15.64
N SER A 11 -9.17 -10.95 15.15
CA SER A 11 -9.47 -11.58 13.83
C SER A 11 -10.06 -12.97 14.07
N VAL A 12 -11.26 -13.21 13.55
CA VAL A 12 -12.01 -14.50 13.72
C VAL A 12 -12.37 -15.01 12.32
N SER A 13 -11.88 -16.20 11.97
CA SER A 13 -12.23 -16.90 10.71
C SER A 13 -13.69 -17.35 10.78
N ARG A 14 -14.44 -17.15 9.70
CA ARG A 14 -15.87 -17.53 9.55
C ARG A 14 -15.98 -18.51 8.38
N PRO A 15 -15.72 -19.81 8.62
CA PRO A 15 -15.65 -20.80 7.54
C PRO A 15 -16.99 -20.95 6.81
N GLY A 16 -17.00 -20.71 5.50
CA GLY A 16 -18.19 -20.80 4.64
C GLY A 16 -19.06 -19.56 4.71
N ARG A 17 -18.60 -18.50 5.39
CA ARG A 17 -19.33 -17.22 5.55
C ARG A 17 -18.49 -16.05 4.99
N GLY A 18 -17.50 -16.36 4.15
CA GLY A 18 -16.65 -15.36 3.47
C GLY A 18 -15.52 -14.86 4.35
N GLU A 19 -15.32 -13.53 4.38
CA GLU A 19 -14.14 -12.87 5.00
C GLU A 19 -14.17 -13.04 6.52
N PRO A 20 -12.99 -13.11 7.18
CA PRO A 20 -12.94 -13.16 8.65
C PRO A 20 -13.38 -11.83 9.29
N ARG A 21 -14.01 -11.90 10.47
CA ARG A 21 -14.32 -10.71 11.29
C ARG A 21 -13.00 -10.06 11.72
N PHE A 22 -12.90 -8.74 11.58
CA PHE A 22 -11.74 -7.93 12.00
C PHE A 22 -12.23 -6.72 12.80
N ILE A 23 -11.79 -6.60 14.04
CA ILE A 23 -12.15 -5.47 14.96
C ILE A 23 -10.87 -4.89 15.54
N ALA A 24 -10.53 -3.66 15.13
CA ALA A 24 -9.41 -2.86 15.67
C ALA A 24 -9.98 -1.76 16.57
N VAL A 25 -9.42 -1.61 17.77
CA VAL A 25 -9.81 -0.51 18.70
C VAL A 25 -8.54 0.09 19.31
N GLY A 26 -8.45 1.42 19.31
CA GLY A 26 -7.38 2.18 19.98
C GLY A 26 -7.87 2.75 21.29
N TYR A 27 -7.05 2.66 22.33
CA TYR A 27 -7.31 3.18 23.70
C TYR A 27 -6.20 4.18 24.08
N VAL A 28 -6.60 5.33 24.63
CA VAL A 28 -5.71 6.13 25.53
C VAL A 28 -6.22 5.85 26.95
N ASP A 29 -5.40 5.17 27.76
CA ASP A 29 -5.80 4.62 29.08
C ASP A 29 -7.00 3.68 28.85
N ASP A 30 -8.16 3.94 29.47
CA ASP A 30 -9.35 3.05 29.36
C ASP A 30 -10.40 3.69 28.46
N THR A 31 -10.05 4.73 27.69
CA THR A 31 -10.95 5.45 26.75
C THR A 31 -10.66 5.02 25.31
N GLN A 32 -11.66 4.41 24.66
CA GLN A 32 -11.66 4.06 23.23
C GLN A 32 -11.76 5.35 22.40
N PHE A 33 -10.80 5.60 21.49
CA PHE A 33 -10.74 6.84 20.67
C PHE A 33 -10.88 6.53 19.17
N VAL A 34 -10.55 5.32 18.71
CA VAL A 34 -10.73 4.90 17.29
C VAL A 34 -11.26 3.47 17.23
N ARG A 35 -11.91 3.15 16.11
CA ARG A 35 -12.53 1.84 15.83
C ARG A 35 -12.44 1.57 14.34
N PHE A 36 -12.10 0.32 13.97
CA PHE A 36 -12.40 -0.25 12.64
C PHE A 36 -13.13 -1.58 12.84
N ASP A 37 -14.24 -1.78 12.13
CA ASP A 37 -15.02 -3.05 12.12
C ASP A 37 -15.27 -3.43 10.66
N SER A 38 -14.79 -4.62 10.26
CA SER A 38 -14.94 -5.19 8.89
C SER A 38 -16.42 -5.24 8.49
N ASP A 39 -17.32 -5.47 9.44
CA ASP A 39 -18.77 -5.67 9.17
C ASP A 39 -19.51 -4.32 9.10
N ALA A 40 -18.87 -3.21 9.49
CA ALA A 40 -19.45 -1.85 9.43
C ALA A 40 -19.47 -1.35 7.98
N ALA A 41 -20.32 -0.35 7.70
CA ALA A 41 -20.63 0.15 6.35
C ALA A 41 -19.51 1.05 5.81
N SER A 42 -18.84 1.82 6.68
CA SER A 42 -17.91 2.91 6.31
C SER A 42 -16.66 2.36 5.61
N GLN A 43 -16.07 1.30 6.17
CA GLN A 43 -14.74 0.74 5.78
C GLN A 43 -13.66 1.81 6.04
N ARG A 44 -13.84 2.60 7.10
CA ARG A 44 -12.89 3.67 7.53
C ARG A 44 -12.54 3.44 9.00
N MET A 45 -11.34 3.84 9.42
CA MET A 45 -11.05 4.12 10.85
C MET A 45 -12.02 5.22 11.27
N GLU A 46 -12.75 5.02 12.38
CA GLU A 46 -13.83 5.94 12.84
C GLU A 46 -13.45 6.53 14.19
N PRO A 47 -13.76 7.82 14.46
CA PRO A 47 -13.53 8.41 15.78
C PRO A 47 -14.52 7.87 16.82
N ARG A 48 -14.06 7.69 18.07
CA ARG A 48 -14.90 7.21 19.20
C ARG A 48 -14.75 8.10 20.45
N ALA A 49 -13.83 9.05 20.45
CA ALA A 49 -13.66 10.07 21.51
C ALA A 49 -13.72 11.46 20.89
N PRO A 50 -14.29 12.48 21.59
CA PRO A 50 -14.43 13.82 21.01
C PRO A 50 -13.10 14.47 20.60
N TRP A 51 -12.02 14.20 21.33
CA TRP A 51 -10.71 14.90 21.16
C TRP A 51 -9.97 14.42 19.91
N ILE A 52 -10.35 13.29 19.30
CA ILE A 52 -9.72 12.80 18.04
C ILE A 52 -10.36 13.49 16.84
N GLU A 53 -11.55 14.08 17.01
CA GLU A 53 -12.35 14.73 15.92
C GLU A 53 -11.53 15.82 15.22
N GLN A 54 -10.57 16.44 15.92
CA GLN A 54 -9.81 17.62 15.43
C GLN A 54 -8.62 17.19 14.55
N GLU A 55 -8.38 15.88 14.43
CA GLU A 55 -7.41 15.33 13.45
C GLU A 55 -8.00 15.54 12.05
N GLY A 56 -7.15 15.93 11.07
CA GLY A 56 -7.59 16.31 9.71
C GLY A 56 -7.81 15.09 8.82
N PRO A 57 -8.23 15.30 7.55
CA PRO A 57 -8.46 14.21 6.60
C PRO A 57 -7.26 13.25 6.42
N GLU A 58 -6.03 13.79 6.42
CA GLU A 58 -4.77 13.01 6.24
C GLU A 58 -4.66 11.95 7.33
N TYR A 59 -5.00 12.28 8.58
CA TYR A 59 -4.99 11.33 9.72
C TYR A 59 -5.91 10.15 9.44
N TRP A 60 -7.16 10.44 9.07
CA TRP A 60 -8.23 9.41 8.84
C TRP A 60 -7.90 8.57 7.61
N ASP A 61 -7.34 9.19 6.55
CA ASP A 61 -6.89 8.48 5.32
C ASP A 61 -5.76 7.50 5.68
N GLN A 62 -4.76 7.97 6.43
CA GLN A 62 -3.55 7.19 6.82
C GLN A 62 -3.95 6.02 7.74
N GLU A 63 -4.71 6.30 8.81
CA GLU A 63 -5.12 5.27 9.78
C GLU A 63 -6.03 4.23 9.09
N THR A 64 -6.83 4.66 8.12
CA THR A 64 -7.71 3.75 7.32
C THR A 64 -6.81 2.80 6.51
N ARG A 65 -5.83 3.33 5.78
CA ARG A 65 -4.86 2.53 4.97
C ARG A 65 -4.15 1.53 5.89
N ASN A 66 -3.66 1.97 7.05
CA ASN A 66 -2.78 1.16 7.94
C ASN A 66 -3.61 0.09 8.69
N VAL A 67 -4.84 0.41 9.11
CA VAL A 67 -5.74 -0.58 9.79
C VAL A 67 -6.19 -1.63 8.77
N LYS A 68 -6.44 -1.22 7.51
CA LYS A 68 -6.75 -2.14 6.38
C LYS A 68 -5.55 -3.07 6.12
N ALA A 69 -4.33 -2.53 6.17
CA ALA A 69 -3.08 -3.30 6.00
C ALA A 69 -2.97 -4.37 7.10
N GLN A 70 -3.29 -4.02 8.35
CA GLN A 70 -3.27 -4.95 9.51
C GLN A 70 -4.34 -6.04 9.29
N SER A 71 -5.55 -5.63 8.86
CA SER A 71 -6.67 -6.52 8.49
C SER A 71 -6.17 -7.57 7.48
N GLN A 72 -5.54 -7.10 6.40
CA GLN A 72 -5.03 -7.94 5.29
C GLN A 72 -3.95 -8.89 5.80
N THR A 73 -3.04 -8.40 6.66
CA THR A 73 -1.97 -9.20 7.31
C THR A 73 -2.62 -10.30 8.15
N ASP A 74 -3.65 -9.97 8.93
CA ASP A 74 -4.37 -10.94 9.79
C ASP A 74 -5.04 -12.02 8.92
N ARG A 75 -5.63 -11.61 7.78
CA ARG A 75 -6.31 -12.52 6.82
C ARG A 75 -5.31 -13.58 6.36
N VAL A 76 -4.11 -13.15 5.95
CA VAL A 76 -2.99 -14.04 5.51
C VAL A 76 -2.58 -14.92 6.69
N ASP A 77 -2.38 -14.32 7.88
CA ASP A 77 -1.86 -15.01 9.09
C ASP A 77 -2.81 -16.13 9.52
N LEU A 78 -4.14 -15.91 9.48
CA LEU A 78 -5.17 -16.93 9.81
C LEU A 78 -4.92 -18.18 8.94
N GLY A 79 -4.73 -17.99 7.63
CA GLY A 79 -4.42 -19.06 6.67
C GLY A 79 -3.13 -19.78 7.05
N THR A 80 -2.07 -19.04 7.30
CA THR A 80 -0.70 -19.56 7.60
C THR A 80 -0.75 -20.38 8.90
N LEU A 81 -1.26 -19.80 9.99
CA LEU A 81 -1.31 -20.45 11.33
C LEU A 81 -2.18 -21.71 11.24
N ARG A 82 -3.29 -21.66 10.49
CA ARG A 82 -4.15 -22.84 10.21
C ARG A 82 -3.26 -23.95 9.62
N GLY A 83 -2.34 -23.57 8.72
CA GLY A 83 -1.34 -24.48 8.12
C GLY A 83 -0.37 -25.02 9.15
N TYR A 84 0.23 -24.14 9.97
CA TYR A 84 1.24 -24.49 11.00
C TYR A 84 0.70 -25.59 11.93
N TYR A 85 -0.57 -25.47 12.35
CA TYR A 85 -1.24 -26.35 13.35
C TYR A 85 -2.00 -27.50 12.66
N ASN A 86 -1.96 -27.57 11.33
CA ASN A 86 -2.59 -28.64 10.50
C ASN A 86 -4.08 -28.77 10.87
N GLN A 87 -4.79 -27.64 10.98
CA GLN A 87 -6.23 -27.59 11.35
C GLN A 87 -7.07 -27.59 10.08
N SER A 88 -8.28 -28.15 10.14
CA SER A 88 -9.23 -28.23 9.01
C SER A 88 -9.72 -26.83 8.64
N GLU A 89 -10.45 -26.72 7.52
CA GLU A 89 -10.96 -25.44 6.95
C GLU A 89 -12.31 -25.10 7.61
N ALA A 90 -12.91 -26.06 8.33
CA ALA A 90 -14.31 -26.00 8.82
C ALA A 90 -14.41 -25.32 10.18
N GLY A 91 -13.30 -25.20 10.92
CA GLY A 91 -13.26 -24.64 12.29
C GLY A 91 -12.92 -23.16 12.31
N SER A 92 -13.55 -22.41 13.22
CA SER A 92 -13.31 -20.96 13.47
C SER A 92 -12.09 -20.79 14.39
N HIS A 93 -11.17 -19.88 14.04
CA HIS A 93 -9.95 -19.59 14.83
C HIS A 93 -9.81 -18.09 15.06
N THR A 94 -9.17 -17.69 16.16
CA THR A 94 -9.02 -16.28 16.58
C THR A 94 -7.54 -15.93 16.71
N ILE A 95 -7.12 -14.85 16.03
CA ILE A 95 -5.85 -14.12 16.32
C ILE A 95 -6.21 -12.88 17.14
N GLN A 96 -5.49 -12.65 18.23
CA GLN A 96 -5.59 -11.42 19.04
C GLN A 96 -4.21 -10.76 19.10
N ILE A 97 -4.16 -9.44 18.89
CA ILE A 97 -2.93 -8.61 18.98
C ILE A 97 -3.21 -7.46 19.93
N MET A 98 -2.31 -7.23 20.89
CA MET A 98 -2.26 -5.97 21.69
C MET A 98 -0.81 -5.47 21.69
N TYR A 99 -0.63 -4.20 21.33
CA TYR A 99 0.65 -3.47 21.53
C TYR A 99 0.35 -2.06 22.03
N GLY A 100 1.33 -1.45 22.69
CA GLY A 100 1.19 -0.10 23.25
C GLY A 100 2.45 0.35 23.96
N CYS A 101 2.41 1.61 24.43
CA CYS A 101 3.49 2.31 25.15
C CYS A 101 2.90 2.96 26.40
N ASP A 102 3.69 3.05 27.47
CA ASP A 102 3.34 3.77 28.72
C ASP A 102 4.30 4.94 28.89
N VAL A 103 3.78 6.11 29.29
CA VAL A 103 4.58 7.31 29.68
C VAL A 103 4.24 7.66 31.12
N GLY A 104 5.18 8.30 31.84
CA GLY A 104 4.95 8.82 33.19
C GLY A 104 4.14 10.11 33.16
N SER A 105 3.96 10.74 34.32
CA SER A 105 3.27 12.05 34.47
C SER A 105 4.08 13.16 33.79
N ASP A 106 5.39 12.93 33.58
CA ASP A 106 6.32 13.88 32.90
C ASP A 106 6.27 13.70 31.37
N GLY A 107 5.50 12.71 30.89
CA GLY A 107 5.23 12.49 29.45
C GLY A 107 6.31 11.65 28.78
N ARG A 108 7.30 11.17 29.53
CA ARG A 108 8.48 10.43 29.00
C ARG A 108 8.20 8.92 28.97
N PHE A 109 8.78 8.22 28.00
CA PHE A 109 8.67 6.75 27.77
C PHE A 109 8.98 6.00 29.08
N LEU A 110 8.13 5.05 29.46
CA LEU A 110 8.35 4.12 30.60
C LEU A 110 8.62 2.72 30.06
N ARG A 111 7.78 2.24 29.14
CA ARG A 111 7.89 0.88 28.54
C ARG A 111 7.02 0.77 27.28
N GLY A 112 7.33 -0.22 26.45
CA GLY A 112 6.52 -0.64 25.30
C GLY A 112 6.34 -2.15 25.35
N TYR A 113 5.31 -2.67 24.69
CA TYR A 113 4.93 -4.10 24.77
C TYR A 113 4.11 -4.47 23.54
N ARG A 114 4.21 -5.74 23.15
CA ARG A 114 3.34 -6.38 22.14
C ARG A 114 3.20 -7.86 22.48
N GLN A 115 1.96 -8.36 22.47
CA GLN A 115 1.62 -9.78 22.68
C GLN A 115 0.68 -10.20 21.55
N ASP A 116 0.92 -11.38 20.98
CA ASP A 116 0.04 -11.99 19.93
C ASP A 116 -0.46 -13.33 20.47
N ALA A 117 -1.71 -13.66 20.17
CA ALA A 117 -2.39 -14.88 20.64
C ALA A 117 -3.00 -15.62 19.45
N TYR A 118 -3.13 -16.95 19.58
CA TYR A 118 -3.91 -17.83 18.68
C TYR A 118 -4.86 -18.66 19.53
N ASP A 119 -6.16 -18.57 19.28
CA ASP A 119 -7.23 -19.33 19.98
C ASP A 119 -7.12 -19.10 21.49
N GLY A 120 -6.92 -17.84 21.92
CA GLY A 120 -6.98 -17.40 23.32
C GLY A 120 -5.77 -17.87 24.14
N LYS A 121 -4.66 -18.19 23.47
CA LYS A 121 -3.40 -18.66 24.12
C LYS A 121 -2.21 -17.86 23.55
N ASP A 122 -1.18 -17.61 24.36
CA ASP A 122 0.08 -16.93 23.95
C ASP A 122 0.59 -17.60 22.67
N TYR A 123 0.88 -16.80 21.64
CA TYR A 123 1.57 -17.24 20.39
C TYR A 123 3.01 -16.70 20.41
N ILE A 124 3.17 -15.39 20.28
CA ILE A 124 4.50 -14.71 20.32
C ILE A 124 4.35 -13.37 21.06
N ALA A 125 5.37 -13.00 21.84
CA ALA A 125 5.44 -11.76 22.62
C ALA A 125 6.79 -11.08 22.38
N LEU A 126 6.80 -9.76 22.24
CA LEU A 126 8.04 -8.95 22.33
C LEU A 126 8.54 -9.05 23.78
N ASN A 127 9.84 -9.28 23.96
CA ASN A 127 10.48 -9.38 25.29
C ASN A 127 10.60 -7.97 25.89
N GLU A 128 10.92 -7.89 27.18
CA GLU A 128 11.01 -6.63 27.97
C GLU A 128 12.06 -5.71 27.34
N ASP A 129 13.17 -6.27 26.83
CA ASP A 129 14.31 -5.51 26.24
C ASP A 129 13.92 -4.89 24.89
N LEU A 130 12.77 -5.25 24.33
CA LEU A 130 12.24 -4.73 23.03
C LEU A 130 13.18 -5.10 21.88
N ARG A 131 13.99 -6.15 22.05
CA ARG A 131 15.07 -6.53 21.10
C ARG A 131 14.93 -7.99 20.65
N SER A 132 14.11 -8.80 21.32
CA SER A 132 13.95 -10.26 21.04
C SER A 132 12.50 -10.69 21.30
N TRP A 133 12.17 -11.92 20.90
CA TRP A 133 10.81 -12.52 20.97
C TRP A 133 10.83 -13.78 21.83
N THR A 134 9.70 -14.07 22.48
CA THR A 134 9.40 -15.36 23.16
C THR A 134 8.29 -16.05 22.36
N ALA A 135 8.60 -17.19 21.74
CA ALA A 135 7.67 -18.03 20.97
C ALA A 135 7.08 -19.10 21.89
N ALA A 136 5.75 -19.28 21.86
CA ALA A 136 5.00 -20.20 22.75
C ALA A 136 5.23 -21.65 22.34
N ASP A 137 5.44 -21.92 21.04
CA ASP A 137 5.53 -23.29 20.48
C ASP A 137 6.34 -23.24 19.16
N MET A 138 6.44 -24.39 18.47
CA MET A 138 7.24 -24.55 17.22
C MET A 138 6.59 -23.74 16.09
N ALA A 139 5.26 -23.57 16.12
CA ALA A 139 4.50 -22.73 15.16
C ALA A 139 5.01 -21.29 15.25
N ALA A 140 4.98 -20.72 16.46
CA ALA A 140 5.42 -19.33 16.75
C ALA A 140 6.92 -19.19 16.52
N GLN A 141 7.69 -20.27 16.68
CA GLN A 141 9.16 -20.28 16.48
C GLN A 141 9.49 -20.07 15.00
N ILE A 142 8.64 -20.56 14.09
CA ILE A 142 8.72 -20.26 12.63
C ILE A 142 8.47 -18.76 12.42
N THR A 143 7.44 -18.22 13.09
CA THR A 143 7.08 -16.78 13.02
C THR A 143 8.27 -15.93 13.50
N LYS A 144 8.92 -16.34 14.59
CA LYS A 144 10.06 -15.61 15.20
C LYS A 144 11.18 -15.45 14.17
N ARG A 145 11.58 -16.53 13.50
CA ARG A 145 12.66 -16.52 12.47
C ARG A 145 12.31 -15.52 11.35
N LYS A 146 11.05 -15.51 10.89
CA LYS A 146 10.56 -14.55 9.87
C LYS A 146 10.67 -13.11 10.40
N TRP A 147 10.29 -12.88 11.65
CA TRP A 147 10.26 -11.53 12.28
C TRP A 147 11.69 -11.06 12.54
N GLU A 148 12.59 -11.97 12.88
CA GLU A 148 14.04 -11.69 13.06
C GLU A 148 14.63 -11.23 11.72
N ALA A 149 14.35 -11.97 10.63
CA ALA A 149 14.88 -11.69 9.27
C ALA A 149 14.38 -10.33 8.77
N ALA A 150 13.14 -9.98 9.10
CA ALA A 150 12.47 -8.72 8.68
C ALA A 150 12.86 -7.55 9.59
N HIS A 151 13.61 -7.80 10.66
CA HIS A 151 14.00 -6.79 11.69
C HIS A 151 12.72 -6.16 12.28
N GLU A 152 11.71 -6.97 12.57
CA GLU A 152 10.39 -6.54 13.12
C GLU A 152 10.60 -5.86 14.47
N ALA A 153 11.40 -6.45 15.35
CA ALA A 153 11.70 -5.97 16.71
C ALA A 153 12.24 -4.54 16.67
N GLU A 154 13.27 -4.29 15.86
CA GLU A 154 13.95 -2.96 15.77
C GLU A 154 12.95 -1.90 15.30
N GLN A 155 12.10 -2.24 14.32
CA GLN A 155 11.07 -1.31 13.77
C GLN A 155 9.96 -1.08 14.81
N LEU A 156 9.52 -2.13 15.52
CA LEU A 156 8.47 -2.03 16.56
C LEU A 156 8.98 -1.17 17.72
N ARG A 157 10.23 -1.39 18.16
CA ARG A 157 10.88 -0.62 19.25
C ARG A 157 10.92 0.88 18.89
N ALA A 158 11.33 1.22 17.67
CA ALA A 158 11.41 2.62 17.18
C ALA A 158 10.03 3.26 17.25
N TYR A 159 8.97 2.54 16.85
CA TYR A 159 7.55 2.98 16.93
C TYR A 159 7.18 3.20 18.41
N LEU A 160 7.42 2.19 19.25
CA LEU A 160 7.00 2.16 20.68
C LEU A 160 7.60 3.35 21.44
N ASP A 161 8.88 3.69 21.18
CA ASP A 161 9.58 4.78 21.93
C ASP A 161 9.65 6.05 21.07
N GLY A 162 9.10 6.03 19.85
CA GLY A 162 8.97 7.20 18.96
C GLY A 162 7.52 7.58 18.75
N THR A 163 6.95 7.15 17.61
CA THR A 163 5.58 7.50 17.15
C THR A 163 4.54 7.28 18.26
N CYS A 164 4.57 6.13 18.93
CA CYS A 164 3.59 5.70 19.96
C CYS A 164 3.52 6.75 21.09
N VAL A 165 4.68 7.09 21.65
CA VAL A 165 4.80 8.02 22.82
C VAL A 165 4.54 9.46 22.36
N GLU A 166 4.94 9.80 21.13
CA GLU A 166 4.73 11.16 20.55
C GLU A 166 3.24 11.42 20.39
N TRP A 167 2.51 10.49 19.77
CA TRP A 167 1.06 10.66 19.48
C TRP A 167 0.25 10.48 20.78
N LEU A 168 0.72 9.67 21.74
CA LEU A 168 0.11 9.57 23.09
C LEU A 168 0.12 10.97 23.74
N ARG A 169 1.27 11.65 23.71
CA ARG A 169 1.46 13.03 24.27
C ARG A 169 0.49 14.00 23.60
N ARG A 170 0.36 13.92 22.27
CA ARG A 170 -0.56 14.79 21.47
C ARG A 170 -2.00 14.57 21.93
N TYR A 171 -2.45 13.31 21.97
CA TYR A 171 -3.81 12.91 22.39
C TYR A 171 -4.07 13.41 23.82
N LEU A 172 -3.11 13.19 24.74
CA LEU A 172 -3.20 13.59 26.17
C LEU A 172 -3.39 15.11 26.29
N GLU A 173 -2.73 15.89 25.42
CA GLU A 173 -2.87 17.38 25.40
C GLU A 173 -4.25 17.73 24.82
N ASN A 174 -4.59 17.20 23.64
CA ASN A 174 -5.81 17.56 22.88
C ASN A 174 -7.06 17.19 23.69
N GLY A 175 -7.04 16.06 24.40
CA GLY A 175 -8.18 15.58 25.22
C GLY A 175 -7.95 15.74 26.72
N LYS A 176 -7.06 16.65 27.15
CA LYS A 176 -6.61 16.76 28.56
C LYS A 176 -7.79 16.97 29.52
N GLU A 177 -8.84 17.67 29.07
CA GLU A 177 -10.04 18.01 29.90
C GLU A 177 -10.65 16.72 30.46
N THR A 178 -10.60 15.61 29.71
CA THR A 178 -11.11 14.27 30.13
C THR A 178 -9.94 13.36 30.51
N LEU A 179 -8.89 13.29 29.69
CA LEU A 179 -7.80 12.29 29.83
C LEU A 179 -6.93 12.57 31.05
N GLN A 180 -6.71 13.84 31.42
CA GLN A 180 -5.76 14.23 32.49
C GLN A 180 -6.51 14.79 33.71
N ARG A 181 -7.83 14.58 33.78
CA ARG A 181 -8.65 14.97 34.96
C ARG A 181 -8.53 13.88 36.03
N THR A 182 -8.89 14.22 37.27
CA THR A 182 -9.01 13.27 38.40
C THR A 182 -10.32 13.58 39.13
N ASP A 183 -11.28 12.66 39.06
CA ASP A 183 -12.57 12.73 39.80
C ASP A 183 -12.50 11.76 40.95
N PRO A 184 -12.61 12.22 42.22
CA PRO A 184 -12.58 11.32 43.37
C PRO A 184 -13.84 10.45 43.40
N PRO A 185 -13.78 9.23 43.99
CA PRO A 185 -14.97 8.40 44.17
C PRO A 185 -15.94 8.98 45.20
N LYS A 186 -17.23 9.07 44.84
CA LYS A 186 -18.34 9.17 45.82
C LYS A 186 -18.54 7.76 46.40
N THR A 187 -18.46 7.62 47.73
CA THR A 187 -18.47 6.32 48.45
C THR A 187 -19.73 6.20 49.31
N HIS A 188 -20.21 4.97 49.50
CA HIS A 188 -21.25 4.59 50.47
C HIS A 188 -21.12 3.08 50.78
N MET A 189 -21.95 2.57 51.68
CA MET A 189 -21.87 1.17 52.17
C MET A 189 -23.29 0.60 52.28
N THR A 190 -23.50 -0.65 51.85
CA THR A 190 -24.79 -1.39 51.99
C THR A 190 -24.61 -2.56 52.96
N HIS A 191 -25.72 -3.08 53.49
CA HIS A 191 -25.80 -4.15 54.51
C HIS A 191 -26.90 -5.16 54.12
N HIS A 192 -26.52 -6.40 53.80
CA HIS A 192 -27.43 -7.49 53.36
C HIS A 192 -27.30 -8.69 54.29
N PRO A 193 -28.20 -8.86 55.27
CA PRO A 193 -28.28 -10.10 56.05
C PRO A 193 -28.52 -11.30 55.13
N ILE A 194 -27.61 -12.29 55.14
CA ILE A 194 -27.72 -13.56 54.37
C ILE A 194 -28.40 -14.62 55.25
N SER A 195 -28.21 -14.53 56.58
CA SER A 195 -28.85 -15.38 57.61
C SER A 195 -29.15 -14.54 58.85
N ASP A 196 -29.57 -15.17 59.94
CA ASP A 196 -29.91 -14.50 61.23
C ASP A 196 -28.62 -14.16 62.00
N HIS A 197 -27.47 -14.76 61.62
CA HIS A 197 -26.18 -14.63 62.35
C HIS A 197 -25.04 -14.20 61.40
N GLU A 198 -25.34 -13.77 60.17
CA GLU A 198 -24.32 -13.29 59.19
C GLU A 198 -24.94 -12.22 58.28
N ALA A 199 -24.11 -11.30 57.78
CA ALA A 199 -24.50 -10.18 56.88
C ALA A 199 -23.33 -9.79 55.99
N THR A 200 -23.61 -9.55 54.70
CA THR A 200 -22.66 -8.96 53.72
C THR A 200 -22.55 -7.45 54.00
N LEU A 201 -21.31 -6.93 54.08
CA LEU A 201 -21.00 -5.48 54.07
C LEU A 201 -20.30 -5.15 52.75
N ARG A 202 -20.98 -4.39 51.88
CA ARG A 202 -20.46 -4.00 50.54
C ARG A 202 -20.06 -2.52 50.58
N CYS A 203 -18.80 -2.24 50.19
CA CYS A 203 -18.20 -0.89 50.13
C CYS A 203 -18.18 -0.40 48.67
N TRP A 204 -18.87 0.71 48.38
CA TRP A 204 -19.11 1.23 47.01
C TRP A 204 -18.18 2.42 46.72
N ALA A 205 -17.60 2.43 45.51
CA ALA A 205 -16.90 3.60 44.91
C ALA A 205 -17.52 3.87 43.53
N LEU A 206 -18.10 5.06 43.35
CA LEU A 206 -18.82 5.46 42.10
C LEU A 206 -18.22 6.78 41.56
N GLY A 207 -18.27 6.94 40.23
CA GLY A 207 -18.05 8.23 39.55
C GLY A 207 -16.62 8.71 39.63
N PHE A 208 -15.65 7.78 39.78
CA PHE A 208 -14.21 8.11 39.91
C PHE A 208 -13.52 8.00 38.56
N TYR A 209 -12.47 8.80 38.38
CA TYR A 209 -11.55 8.76 37.21
C TYR A 209 -10.14 9.17 37.66
N PRO A 210 -9.06 8.49 37.22
CA PRO A 210 -9.13 7.32 36.33
C PRO A 210 -9.57 6.03 37.06
N ALA A 211 -9.44 4.89 36.39
CA ALA A 211 -9.97 3.56 36.81
C ALA A 211 -9.18 3.00 37.99
N GLU A 212 -7.87 3.27 38.08
CA GLU A 212 -7.01 2.75 39.17
C GLU A 212 -7.61 3.17 40.51
N ILE A 213 -7.79 2.21 41.41
CA ILE A 213 -8.40 2.41 42.76
C ILE A 213 -8.05 1.20 43.62
N THR A 214 -7.98 1.40 44.95
CA THR A 214 -7.73 0.33 45.94
C THR A 214 -8.86 0.37 46.99
N LEU A 215 -9.80 -0.58 46.89
CA LEU A 215 -10.81 -0.89 47.93
C LEU A 215 -10.30 -2.04 48.78
N THR A 216 -10.10 -1.81 50.08
CA THR A 216 -9.52 -2.76 51.06
C THR A 216 -10.42 -2.83 52.29
N TRP A 217 -10.84 -4.03 52.69
CA TRP A 217 -11.55 -4.30 53.97
C TRP A 217 -10.52 -4.68 55.04
N GLN A 218 -10.71 -4.18 56.27
CA GLN A 218 -9.87 -4.51 57.45
C GLN A 218 -10.75 -4.73 58.68
N ARG A 219 -10.50 -5.81 59.42
CA ARG A 219 -11.13 -6.10 60.74
C ARG A 219 -10.17 -5.64 61.84
N ASP A 220 -10.55 -4.58 62.57
CA ASP A 220 -9.82 -4.03 63.75
C ASP A 220 -8.46 -3.43 63.33
N GLY A 221 -8.07 -3.56 62.06
CA GLY A 221 -6.75 -3.15 61.53
C GLY A 221 -6.15 -4.18 60.59
N GLU A 222 -6.48 -5.47 60.76
CA GLU A 222 -5.92 -6.60 59.98
C GLU A 222 -6.60 -6.66 58.60
N ASP A 223 -5.81 -6.82 57.52
CA ASP A 223 -6.30 -6.83 56.12
C ASP A 223 -6.96 -8.18 55.81
N GLN A 224 -8.13 -8.14 55.17
CA GLN A 224 -9.00 -9.32 54.92
C GLN A 224 -8.97 -9.69 53.42
N THR A 225 -7.80 -9.58 52.77
CA THR A 225 -7.59 -9.87 51.33
C THR A 225 -8.19 -11.24 50.98
N GLN A 226 -7.92 -12.25 51.81
CA GLN A 226 -8.33 -13.66 51.60
C GLN A 226 -9.86 -13.81 51.64
N ASP A 227 -10.56 -12.94 52.37
CA ASP A 227 -12.03 -13.03 52.62
C ASP A 227 -12.73 -11.75 52.15
N THR A 228 -12.37 -11.23 50.98
CA THR A 228 -12.98 -10.02 50.35
C THR A 228 -13.43 -10.38 48.93
N GLU A 229 -14.74 -10.26 48.65
CA GLU A 229 -15.33 -10.41 47.29
C GLU A 229 -15.13 -9.08 46.55
N LEU A 230 -14.39 -9.12 45.44
CA LEU A 230 -13.85 -7.92 44.74
C LEU A 230 -14.19 -8.00 43.25
N VAL A 231 -15.30 -7.38 42.83
CA VAL A 231 -15.73 -7.34 41.39
C VAL A 231 -14.73 -6.50 40.59
N GLU A 232 -14.72 -6.72 39.27
CA GLU A 232 -13.89 -5.96 38.30
C GLU A 232 -14.37 -4.51 38.26
N THR A 233 -13.44 -3.56 38.22
CA THR A 233 -13.73 -2.12 37.97
C THR A 233 -14.46 -2.02 36.62
N ARG A 234 -15.71 -1.53 36.65
CA ARG A 234 -16.62 -1.49 35.47
C ARG A 234 -16.84 -0.05 35.04
N PRO A 235 -17.12 0.19 33.74
CA PRO A 235 -17.43 1.54 33.25
C PRO A 235 -18.89 1.90 33.51
N ALA A 236 -19.15 3.14 33.94
CA ALA A 236 -20.49 3.70 34.19
C ALA A 236 -21.17 4.01 32.84
N GLY A 237 -20.39 4.43 31.85
CA GLY A 237 -20.87 4.81 30.50
C GLY A 237 -20.98 6.31 30.33
N ASP A 238 -20.66 7.08 31.38
CA ASP A 238 -20.64 8.58 31.38
C ASP A 238 -19.20 9.09 31.44
N GLY A 239 -18.22 8.20 31.25
CA GLY A 239 -16.78 8.52 31.30
C GLY A 239 -16.15 8.21 32.67
N THR A 240 -16.94 7.78 33.66
CA THR A 240 -16.46 7.45 35.02
C THR A 240 -16.48 5.93 35.24
N PHE A 241 -15.96 5.46 36.38
CA PHE A 241 -15.85 4.03 36.74
C PHE A 241 -16.51 3.77 38.10
N GLN A 242 -16.86 2.50 38.32
CA GLN A 242 -17.52 1.98 39.55
C GLN A 242 -16.76 0.73 40.01
N LYS A 243 -16.76 0.49 41.32
CA LYS A 243 -16.18 -0.73 41.94
C LYS A 243 -16.80 -0.92 43.32
N TRP A 244 -16.91 -2.16 43.78
CA TRP A 244 -17.26 -2.49 45.18
C TRP A 244 -16.42 -3.68 45.66
N ALA A 245 -16.22 -3.75 46.97
CA ALA A 245 -15.63 -4.88 47.71
C ALA A 245 -16.60 -5.26 48.82
N ALA A 246 -16.78 -6.56 49.08
CA ALA A 246 -17.76 -7.08 50.07
C ALA A 246 -17.06 -8.02 51.07
N VAL A 247 -17.56 -8.06 52.31
CA VAL A 247 -17.13 -9.01 53.39
C VAL A 247 -18.38 -9.60 54.02
N VAL A 248 -18.39 -10.93 54.22
CA VAL A 248 -19.43 -11.66 55.02
C VAL A 248 -19.02 -11.53 56.50
N VAL A 249 -19.90 -10.98 57.34
CA VAL A 249 -19.57 -10.47 58.70
C VAL A 249 -20.56 -11.05 59.71
N PRO A 250 -20.11 -11.53 60.89
CA PRO A 250 -21.01 -11.98 61.93
C PRO A 250 -21.83 -10.80 62.49
N SER A 251 -23.16 -10.98 62.59
CA SER A 251 -24.14 -9.94 62.98
C SER A 251 -23.76 -9.32 64.32
N GLY A 252 -23.82 -7.99 64.42
CA GLY A 252 -23.51 -7.23 65.64
C GLY A 252 -22.03 -6.91 65.79
N GLU A 253 -21.22 -7.22 64.78
CA GLU A 253 -19.76 -6.96 64.77
C GLU A 253 -19.38 -6.20 63.49
N GLU A 254 -20.30 -5.37 62.98
CA GLU A 254 -20.12 -4.53 61.75
C GLU A 254 -19.16 -3.37 62.06
N GLN A 255 -19.29 -2.76 63.24
CA GLN A 255 -18.53 -1.56 63.68
C GLN A 255 -17.02 -1.86 63.71
N ARG A 256 -16.63 -3.14 63.83
CA ARG A 256 -15.21 -3.58 63.88
C ARG A 256 -14.56 -3.44 62.50
N TYR A 257 -15.28 -3.78 61.43
CA TYR A 257 -14.79 -3.79 60.03
C TYR A 257 -14.74 -2.36 59.48
N THR A 258 -13.73 -2.05 58.66
CA THR A 258 -13.52 -0.72 58.02
C THR A 258 -13.10 -0.90 56.56
N CYS A 259 -13.66 -0.07 55.66
CA CYS A 259 -13.31 -0.03 54.21
C CYS A 259 -12.39 1.17 53.95
N HIS A 260 -11.18 0.90 53.43
CA HIS A 260 -10.16 1.90 53.03
C HIS A 260 -10.25 2.13 51.52
N VAL A 261 -10.29 3.40 51.08
CA VAL A 261 -10.41 3.81 49.65
C VAL A 261 -9.21 4.68 49.27
N GLN A 262 -8.35 4.19 48.38
CA GLN A 262 -7.17 4.92 47.84
C GLN A 262 -7.41 5.23 46.36
N HIS A 263 -7.33 6.52 46.00
CA HIS A 263 -7.56 7.03 44.62
C HIS A 263 -6.85 8.37 44.45
N GLU A 264 -6.26 8.59 43.27
CA GLU A 264 -5.44 9.78 42.91
C GLU A 264 -6.22 11.07 43.21
N GLY A 265 -7.53 11.06 42.95
CA GLY A 265 -8.43 12.22 43.08
C GLY A 265 -8.75 12.59 44.52
N LEU A 266 -8.44 11.72 45.50
CA LEU A 266 -8.75 11.97 46.94
C LEU A 266 -7.67 12.88 47.54
N PRO A 267 -8.04 13.89 48.36
CA PRO A 267 -7.07 14.67 49.13
C PRO A 267 -6.30 13.77 50.11
N LYS A 268 -7.03 12.90 50.82
CA LYS A 268 -6.51 11.86 51.74
C LYS A 268 -7.30 10.57 51.53
N PRO A 269 -6.69 9.38 51.72
CA PRO A 269 -7.43 8.12 51.70
C PRO A 269 -8.64 8.14 52.64
N LEU A 270 -9.78 7.60 52.19
CA LEU A 270 -11.03 7.52 52.98
C LEU A 270 -11.02 6.23 53.81
N THR A 271 -11.62 6.28 55.00
CA THR A 271 -11.92 5.13 55.89
C THR A 271 -13.42 5.17 56.24
N LEU A 272 -14.17 4.12 55.88
CA LEU A 272 -15.65 4.08 55.99
C LEU A 272 -16.08 3.06 57.06
N ARG A 273 -17.14 3.38 57.82
CA ARG A 273 -17.78 2.51 58.84
C ARG A 273 -19.28 2.46 58.57
N TRP A 274 -19.93 1.34 58.92
CA TRP A 274 -21.39 1.10 58.76
C TRP A 274 -22.18 1.98 59.74
N GLU A 275 -23.37 2.42 59.33
CA GLU A 275 -24.42 3.10 60.15
C GLU A 275 -24.33 2.61 61.60
N ILE B 2 -9.48 -23.62 24.28
CA ILE B 2 -9.56 -23.02 25.64
C ILE B 2 -10.84 -22.18 25.72
N GLN B 3 -11.64 -22.37 26.77
CA GLN B 3 -12.96 -21.73 26.96
C GLN B 3 -13.07 -21.13 28.36
N ARG B 4 -13.55 -19.88 28.45
CA ARG B 4 -13.71 -19.11 29.72
C ARG B 4 -15.15 -18.59 29.80
N THR B 5 -15.78 -18.71 30.97
CA THR B 5 -17.22 -18.40 31.24
C THR B 5 -17.39 -16.90 31.48
N PRO B 6 -18.36 -16.23 30.82
CA PRO B 6 -18.57 -14.80 31.01
C PRO B 6 -18.98 -14.43 32.44
N LYS B 7 -18.34 -13.39 33.00
CA LYS B 7 -18.78 -12.67 34.21
C LYS B 7 -19.76 -11.59 33.77
N ILE B 8 -20.83 -11.37 34.54
CA ILE B 8 -21.97 -10.49 34.18
C ILE B 8 -22.26 -9.54 35.34
N GLN B 9 -22.20 -8.23 35.09
CA GLN B 9 -22.63 -7.17 36.05
C GLN B 9 -23.74 -6.33 35.39
N VAL B 10 -24.87 -6.18 36.09
CA VAL B 10 -26.04 -5.36 35.65
C VAL B 10 -26.19 -4.20 36.64
N TYR B 11 -26.27 -2.97 36.13
CA TYR B 11 -26.26 -1.72 36.93
C TYR B 11 -26.66 -0.54 36.05
N SER B 12 -26.93 0.60 36.69
CA SER B 12 -27.36 1.88 36.05
C SER B 12 -26.14 2.79 35.86
N ARG B 13 -26.19 3.68 34.86
CA ARG B 13 -25.14 4.69 34.56
C ARG B 13 -25.04 5.67 35.74
N HIS B 14 -26.18 6.17 36.21
CA HIS B 14 -26.30 7.09 37.37
C HIS B 14 -27.07 6.37 38.49
N PRO B 15 -26.92 6.79 39.77
CA PRO B 15 -27.74 6.24 40.85
C PRO B 15 -29.22 6.28 40.46
N ALA B 16 -29.96 5.21 40.78
CA ALA B 16 -31.36 5.00 40.36
C ALA B 16 -32.29 5.94 41.15
N GLU B 17 -33.04 6.78 40.44
CA GLU B 17 -34.16 7.58 40.98
C GLU B 17 -35.40 7.27 40.13
N ASN B 18 -36.49 6.81 40.76
CA ASN B 18 -37.73 6.37 40.06
C ASN B 18 -38.26 7.54 39.22
N GLY B 19 -38.65 7.26 37.97
CA GLY B 19 -39.26 8.22 37.03
C GLY B 19 -38.25 9.17 36.40
N LYS B 20 -36.94 8.89 36.53
CA LYS B 20 -35.84 9.72 35.99
C LYS B 20 -35.07 8.94 34.92
N SER B 21 -34.99 9.48 33.71
CA SER B 21 -34.26 8.91 32.55
C SER B 21 -32.82 8.55 32.97
N ASN B 22 -32.36 7.36 32.57
CA ASN B 22 -31.07 6.76 32.99
C ASN B 22 -30.61 5.83 31.86
N PHE B 23 -29.52 5.08 32.07
CA PHE B 23 -29.06 4.01 31.14
C PHE B 23 -28.87 2.72 31.94
N LEU B 24 -29.44 1.62 31.45
CA LEU B 24 -29.25 0.25 32.01
C LEU B 24 -28.03 -0.37 31.33
N ASN B 25 -27.02 -0.76 32.11
CA ASN B 25 -25.75 -1.35 31.63
C ASN B 25 -25.73 -2.85 31.94
N CYS B 26 -25.15 -3.62 31.02
CA CYS B 26 -24.73 -5.03 31.24
C CYS B 26 -23.28 -5.18 30.80
N TYR B 27 -22.37 -5.33 31.77
CA TYR B 27 -20.91 -5.49 31.55
C TYR B 27 -20.59 -6.98 31.60
N VAL B 28 -20.19 -7.53 30.44
CA VAL B 28 -19.89 -8.97 30.24
C VAL B 28 -18.39 -9.08 29.96
N SER B 29 -17.66 -9.80 30.82
CA SER B 29 -16.18 -9.88 30.80
C SER B 29 -15.72 -11.33 31.02
N GLY B 30 -14.49 -11.63 30.63
CA GLY B 30 -13.79 -12.88 30.99
C GLY B 30 -14.21 -14.06 30.13
N PHE B 31 -14.83 -13.82 28.97
CA PHE B 31 -15.37 -14.90 28.10
C PHE B 31 -14.44 -15.15 26.91
N HIS B 32 -14.39 -16.42 26.49
CA HIS B 32 -13.68 -16.91 25.27
C HIS B 32 -14.37 -18.19 24.80
N PRO B 33 -14.71 -18.35 23.50
CA PRO B 33 -14.38 -17.41 22.43
C PRO B 33 -15.28 -16.16 22.36
N SER B 34 -15.14 -15.36 21.30
CA SER B 34 -15.71 -14.00 21.16
C SER B 34 -17.22 -14.03 20.92
N ASP B 35 -17.75 -15.07 20.26
CA ASP B 35 -19.19 -15.21 19.92
C ASP B 35 -20.01 -15.18 21.22
N ILE B 36 -20.94 -14.22 21.33
CA ILE B 36 -21.80 -14.05 22.54
C ILE B 36 -23.13 -13.40 22.10
N GLU B 37 -24.22 -13.76 22.79
CA GLU B 37 -25.56 -13.13 22.62
C GLU B 37 -25.93 -12.49 23.95
N VAL B 38 -26.23 -11.18 23.93
CA VAL B 38 -26.58 -10.37 25.14
C VAL B 38 -27.86 -9.60 24.84
N ASP B 39 -28.88 -9.78 25.68
CA ASP B 39 -30.16 -9.02 25.63
C ASP B 39 -30.38 -8.31 26.97
N LEU B 40 -30.95 -7.11 26.93
CA LEU B 40 -31.45 -6.38 28.12
C LEU B 40 -32.97 -6.55 28.18
N LEU B 41 -33.49 -7.03 29.31
CA LEU B 41 -34.92 -7.39 29.49
C LEU B 41 -35.60 -6.34 30.35
N LYS B 42 -36.84 -5.97 29.99
CA LYS B 42 -37.80 -5.21 30.83
C LYS B 42 -39.02 -6.10 31.07
N ASN B 43 -39.26 -6.51 32.31
CA ASN B 43 -40.37 -7.42 32.71
C ASN B 43 -40.33 -8.68 31.83
N GLY B 44 -39.14 -9.26 31.65
CA GLY B 44 -38.93 -10.53 30.93
C GLY B 44 -38.85 -10.36 29.42
N GLU B 45 -39.09 -9.16 28.89
CA GLU B 45 -39.19 -8.90 27.43
C GLU B 45 -37.92 -8.21 26.91
N ARG B 46 -37.40 -8.69 25.78
CA ARG B 46 -36.19 -8.16 25.09
C ARG B 46 -36.42 -6.69 24.73
N ILE B 47 -35.52 -5.80 25.17
CA ILE B 47 -35.48 -4.37 24.74
C ILE B 47 -34.78 -4.31 23.38
N GLU B 48 -35.44 -3.74 22.37
CA GLU B 48 -35.01 -3.73 20.95
C GLU B 48 -33.75 -2.87 20.79
N LYS B 49 -33.85 -1.58 21.12
CA LYS B 49 -32.78 -0.57 20.92
C LYS B 49 -31.72 -0.73 22.02
N VAL B 50 -30.69 -1.54 21.76
CA VAL B 50 -29.55 -1.79 22.69
C VAL B 50 -28.24 -1.59 21.92
N GLU B 51 -27.35 -0.75 22.44
CA GLU B 51 -26.00 -0.49 21.86
C GLU B 51 -24.95 -1.17 22.74
N HIS B 52 -23.77 -1.44 22.17
CA HIS B 52 -22.61 -2.07 22.88
C HIS B 52 -21.32 -1.38 22.45
N SER B 53 -20.29 -1.43 23.31
CA SER B 53 -18.91 -1.00 22.99
C SER B 53 -18.31 -1.96 21.95
N ASP B 54 -17.18 -1.58 21.38
CA ASP B 54 -16.43 -2.42 20.41
C ASP B 54 -15.69 -3.50 21.19
N LEU B 55 -15.68 -4.73 20.68
CA LEU B 55 -15.01 -5.89 21.32
C LEU B 55 -13.55 -5.53 21.62
N SER B 56 -13.13 -5.78 22.87
CA SER B 56 -11.73 -5.68 23.36
C SER B 56 -11.48 -6.87 24.28
N PHE B 57 -10.30 -6.95 24.89
CA PHE B 57 -9.91 -8.11 25.74
C PHE B 57 -8.87 -7.68 26.77
N SER B 58 -8.73 -8.51 27.81
CA SER B 58 -7.83 -8.32 28.97
C SER B 58 -6.48 -8.97 28.70
N LYS B 59 -5.54 -8.85 29.64
CA LYS B 59 -4.15 -9.38 29.53
C LYS B 59 -4.17 -10.91 29.31
N ASP B 60 -5.23 -11.59 29.79
CA ASP B 60 -5.35 -13.07 29.73
C ASP B 60 -6.11 -13.50 28.45
N TRP B 61 -6.40 -12.55 27.56
CA TRP B 61 -6.99 -12.76 26.20
C TRP B 61 -8.52 -12.88 26.26
N SER B 62 -9.10 -12.92 27.46
CA SER B 62 -10.57 -13.00 27.66
C SER B 62 -11.20 -11.67 27.24
N PHE B 63 -12.34 -11.75 26.55
CA PHE B 63 -13.04 -10.59 25.92
C PHE B 63 -13.94 -9.91 26.95
N TYR B 64 -14.29 -8.64 26.70
CA TYR B 64 -15.29 -7.88 27.49
C TYR B 64 -16.04 -6.91 26.56
N LEU B 65 -17.35 -6.77 26.81
CA LEU B 65 -18.28 -5.85 26.11
C LEU B 65 -19.13 -5.14 27.15
N LEU B 66 -19.48 -3.88 26.90
CA LEU B 66 -20.54 -3.13 27.65
C LEU B 66 -21.77 -2.98 26.74
N TYR B 67 -22.91 -3.54 27.16
CA TYR B 67 -24.23 -3.33 26.54
C TYR B 67 -25.00 -2.30 27.38
N TYR B 68 -25.65 -1.34 26.73
CA TYR B 68 -26.36 -0.21 27.39
C TYR B 68 -27.56 0.22 26.54
N THR B 69 -28.62 0.67 27.22
CA THR B 69 -29.86 1.18 26.61
C THR B 69 -30.52 2.19 27.55
N GLU B 70 -31.22 3.17 27.00
CA GLU B 70 -32.04 4.15 27.78
C GLU B 70 -33.09 3.35 28.56
N PHE B 71 -33.34 3.72 29.81
CA PHE B 71 -34.46 3.20 30.63
C PHE B 71 -34.80 4.23 31.72
N THR B 72 -36.08 4.27 32.10
CA THR B 72 -36.62 5.07 33.22
C THR B 72 -36.99 4.11 34.35
N PRO B 73 -36.19 4.02 35.44
CA PRO B 73 -36.50 3.12 36.54
C PRO B 73 -37.85 3.47 37.18
N THR B 74 -38.55 2.45 37.68
CA THR B 74 -39.77 2.58 38.51
C THR B 74 -39.64 1.60 39.68
N GLU B 75 -40.61 1.64 40.59
CA GLU B 75 -40.69 0.76 41.80
C GLU B 75 -40.92 -0.69 41.37
N LYS B 76 -41.78 -0.92 40.37
CA LYS B 76 -42.36 -2.25 40.02
C LYS B 76 -41.61 -2.89 38.84
N ASP B 77 -41.16 -2.11 37.86
CA ASP B 77 -40.53 -2.65 36.62
C ASP B 77 -39.25 -3.40 36.98
N GLU B 78 -39.13 -4.64 36.49
CA GLU B 78 -37.95 -5.54 36.70
C GLU B 78 -37.07 -5.49 35.44
N TYR B 79 -35.78 -5.20 35.61
CA TYR B 79 -34.78 -5.15 34.52
C TYR B 79 -33.75 -6.26 34.77
N ALA B 80 -33.23 -6.83 33.68
CA ALA B 80 -32.30 -7.98 33.71
C ALA B 80 -31.43 -7.99 32.45
N CYS B 81 -30.32 -8.73 32.52
CA CYS B 81 -29.42 -9.02 31.38
C CYS B 81 -29.40 -10.52 31.15
N ARG B 82 -29.61 -10.96 29.89
CA ARG B 82 -29.59 -12.38 29.48
C ARG B 82 -28.39 -12.61 28.54
N VAL B 83 -27.47 -13.47 28.95
CA VAL B 83 -26.20 -13.77 28.21
C VAL B 83 -26.22 -15.24 27.81
N ASN B 84 -26.01 -15.53 26.52
CA ASN B 84 -25.75 -16.91 26.03
C ASN B 84 -24.34 -16.98 25.46
N HIS B 85 -23.62 -18.03 25.86
CA HIS B 85 -22.22 -18.33 25.47
C HIS B 85 -22.05 -19.85 25.45
N VAL B 86 -21.15 -20.37 24.62
CA VAL B 86 -20.91 -21.83 24.45
C VAL B 86 -20.55 -22.44 25.82
N THR B 87 -19.93 -21.67 26.71
CA THR B 87 -19.45 -22.14 28.05
C THR B 87 -20.60 -22.32 29.04
N LEU B 88 -21.75 -21.66 28.83
CA LEU B 88 -22.91 -21.71 29.76
C LEU B 88 -23.82 -22.90 29.43
N SER B 89 -24.36 -23.56 30.46
CA SER B 89 -25.35 -24.67 30.38
C SER B 89 -26.67 -24.13 29.80
N GLN B 90 -27.10 -22.96 30.28
CA GLN B 90 -28.34 -22.25 29.89
C GLN B 90 -28.00 -20.78 29.68
N PRO B 91 -28.84 -20.00 28.97
CA PRO B 91 -28.73 -18.54 29.01
C PRO B 91 -28.77 -18.07 30.47
N LYS B 92 -27.80 -17.28 30.91
CA LYS B 92 -27.71 -16.76 32.30
C LYS B 92 -28.45 -15.42 32.37
N ILE B 93 -29.49 -15.35 33.21
CA ILE B 93 -30.27 -14.11 33.48
C ILE B 93 -29.81 -13.55 34.83
N VAL B 94 -29.18 -12.37 34.83
CA VAL B 94 -28.80 -11.61 36.06
C VAL B 94 -29.76 -10.42 36.17
N LYS B 95 -30.48 -10.34 37.30
CA LYS B 95 -31.50 -9.30 37.57
C LYS B 95 -30.81 -8.03 38.08
N TRP B 96 -31.24 -6.87 37.60
CA TRP B 96 -30.79 -5.55 38.13
C TRP B 96 -31.26 -5.43 39.58
N ASP B 97 -30.31 -5.18 40.49
CA ASP B 97 -30.53 -5.04 41.96
C ASP B 97 -29.89 -3.72 42.42
N ARG B 98 -30.67 -2.63 42.37
CA ARG B 98 -30.21 -1.24 42.70
C ARG B 98 -29.64 -1.17 44.12
N ASP B 99 -30.19 -1.97 45.03
CA ASP B 99 -29.86 -1.93 46.49
C ASP B 99 -28.64 -2.82 46.80
N MET B 100 -28.18 -3.62 45.83
CA MET B 100 -26.98 -4.50 46.00
C MET B 100 -25.91 -3.75 46.81
N GLU C 1 -1.39 6.68 17.07
CA GLU C 1 -1.36 6.19 15.66
C GLU C 1 -0.91 4.73 15.62
N LEU C 2 -1.44 3.98 14.65
CA LEU C 2 -1.16 2.53 14.44
C LEU C 2 0.32 2.30 14.12
N PHE C 3 0.85 1.15 14.55
CA PHE C 3 2.11 0.55 14.04
C PHE C 3 1.85 0.06 12.62
N SER C 4 2.82 0.23 11.71
CA SER C 4 2.63 0.01 10.24
C SER C 4 3.77 -0.79 9.60
N TYR C 5 4.75 -1.32 10.36
CA TYR C 5 5.83 -2.17 9.80
C TYR C 5 5.39 -3.63 9.86
N LEU C 6 4.46 -3.99 8.97
CA LEU C 6 3.66 -5.24 9.04
C LEU C 6 4.44 -6.37 8.35
N ILE C 7 4.78 -7.40 9.13
CA ILE C 7 5.44 -8.65 8.65
C ILE C 7 4.52 -9.83 8.96
N GLU C 8 4.20 -10.64 7.95
CA GLU C 8 3.32 -11.83 8.06
C GLU C 8 3.97 -12.82 9.03
N LYS C 9 3.15 -13.57 9.76
CA LYS C 9 3.58 -14.63 10.72
C LYS C 9 3.91 -15.91 9.96
N GLN D 3 1.52 11.39 1.19
CA GLN D 3 2.32 10.13 1.14
C GLN D 3 2.49 9.72 -0.32
N GLU D 4 3.58 10.16 -0.96
CA GLU D 4 3.87 9.91 -2.41
C GLU D 4 5.39 10.00 -2.67
N VAL D 5 5.78 9.82 -3.93
CA VAL D 5 7.21 9.80 -4.38
C VAL D 5 7.36 10.80 -5.53
N THR D 6 8.50 11.50 -5.56
CA THR D 6 8.80 12.61 -6.52
C THR D 6 10.25 12.46 -7.01
N GLN D 7 10.50 12.84 -8.26
CA GLN D 7 11.84 12.82 -8.90
C GLN D 7 12.06 14.13 -9.67
N ILE D 8 12.96 14.98 -9.17
CA ILE D 8 13.31 16.31 -9.75
C ILE D 8 14.83 16.34 -9.90
N PRO D 9 15.40 16.46 -11.13
CA PRO D 9 14.66 16.85 -12.33
C PRO D 9 13.97 15.71 -13.09
N ALA D 10 12.97 16.05 -13.92
CA ALA D 10 12.18 15.13 -14.77
C ALA D 10 13.01 14.70 -16.00
N ALA D 11 13.99 15.52 -16.41
CA ALA D 11 14.90 15.22 -17.54
C ALA D 11 16.31 15.74 -17.24
N LEU D 12 17.34 14.96 -17.57
CA LEU D 12 18.76 15.32 -17.38
C LEU D 12 19.55 14.98 -18.65
N SER D 13 20.24 15.98 -19.22
CA SER D 13 21.19 15.84 -20.36
C SER D 13 22.63 15.95 -19.83
N VAL D 14 23.47 14.94 -20.11
CA VAL D 14 24.85 14.83 -19.55
C VAL D 14 25.81 14.40 -20.65
N PRO D 15 26.97 15.07 -20.83
CA PRO D 15 28.01 14.56 -21.73
C PRO D 15 28.69 13.32 -21.13
N GLU D 16 28.95 12.29 -21.96
CA GLU D 16 29.43 10.95 -21.52
C GLU D 16 30.75 11.09 -20.77
N GLY D 17 31.05 10.14 -19.88
CA GLY D 17 32.27 10.10 -19.05
C GLY D 17 32.09 10.88 -17.75
N GLU D 18 31.12 11.80 -17.72
CA GLU D 18 30.82 12.69 -16.58
C GLU D 18 29.97 11.92 -15.55
N ASN D 19 30.35 11.98 -14.27
CA ASN D 19 29.54 11.44 -13.14
C ASN D 19 28.28 12.30 -13.03
N LEU D 20 27.14 11.70 -12.67
CA LEU D 20 25.84 12.40 -12.55
C LEU D 20 25.06 11.84 -11.38
N VAL D 21 23.99 12.53 -10.98
CA VAL D 21 23.12 12.17 -9.83
C VAL D 21 21.66 12.28 -10.26
N LEU D 22 20.83 11.33 -9.84
CA LEU D 22 19.36 11.34 -10.03
C LEU D 22 18.72 11.36 -8.63
N ASN D 23 17.75 12.26 -8.42
CA ASN D 23 17.21 12.58 -7.08
C ASN D 23 15.85 11.92 -6.89
N CYS D 24 15.62 11.34 -5.72
CA CYS D 24 14.32 10.77 -5.28
C CYS D 24 13.96 11.31 -3.89
N SER D 25 12.74 11.83 -3.73
CA SER D 25 12.16 12.24 -2.42
C SER D 25 10.81 11.54 -2.24
N PHE D 26 10.49 11.14 -1.00
CA PHE D 26 9.24 10.42 -0.65
C PHE D 26 8.77 10.89 0.73
N THR D 27 7.44 10.90 0.93
CA THR D 27 6.77 11.24 2.22
C THR D 27 6.23 9.97 2.89
N LEU D 28 6.47 8.79 2.29
CA LEU D 28 6.05 7.48 2.86
C LEU D 28 6.83 7.23 4.16
N ARG D 29 6.13 6.75 5.19
CA ARG D 29 6.69 6.46 6.54
C ARG D 29 6.87 4.93 6.69
N TRP D 30 7.82 4.54 7.54
CA TRP D 30 8.09 3.13 7.95
C TRP D 30 8.22 2.25 6.70
N ILE D 31 9.02 2.72 5.72
CA ILE D 31 9.18 2.06 4.40
C ILE D 31 9.85 0.68 4.63
N TYR D 32 9.45 -0.32 3.86
CA TYR D 32 10.09 -1.67 3.82
C TYR D 32 11.43 -1.57 3.08
N ASN D 33 11.43 -0.83 1.97
CA ASN D 33 12.60 -0.73 1.04
C ASN D 33 12.35 0.37 0.01
N LEU D 34 13.42 0.80 -0.66
CA LEU D 34 13.39 1.73 -1.81
C LEU D 34 14.09 1.04 -2.98
N GLN D 35 13.56 1.20 -4.19
CA GLN D 35 14.02 0.49 -5.41
C GLN D 35 14.26 1.51 -6.53
N TRP D 36 15.34 1.31 -7.29
CA TRP D 36 15.63 2.06 -8.54
C TRP D 36 15.45 1.11 -9.72
N PHE D 37 14.63 1.52 -10.70
CA PHE D 37 14.33 0.75 -11.93
C PHE D 37 14.93 1.47 -13.13
N ARG D 38 15.40 0.69 -14.11
CA ARG D 38 15.69 1.16 -15.48
C ARG D 38 14.51 0.77 -16.38
N GLN D 39 14.03 1.70 -17.20
CA GLN D 39 13.00 1.44 -18.24
C GLN D 39 13.49 1.98 -19.58
N ASP D 40 13.76 1.08 -20.53
CA ASP D 40 14.04 1.41 -21.96
C ASP D 40 12.71 1.71 -22.64
N PRO D 41 12.68 2.56 -23.69
CA PRO D 41 11.43 2.93 -24.35
C PRO D 41 10.66 1.71 -24.89
N GLY D 42 9.36 1.64 -24.59
CA GLY D 42 8.45 0.55 -25.03
C GLY D 42 8.63 -0.73 -24.22
N LYS D 43 9.61 -0.78 -23.32
CA LYS D 43 10.00 -2.01 -22.57
C LYS D 43 9.49 -1.92 -21.14
N GLY D 44 9.64 -3.01 -20.38
CA GLY D 44 9.22 -3.12 -18.98
C GLY D 44 10.28 -2.62 -18.02
N LEU D 45 10.23 -3.07 -16.76
CA LEU D 45 11.11 -2.58 -15.66
C LEU D 45 12.29 -3.53 -15.50
N THR D 46 13.49 -2.96 -15.31
CA THR D 46 14.70 -3.69 -14.84
C THR D 46 15.11 -3.12 -13.49
N SER D 47 15.11 -3.96 -12.44
CA SER D 47 15.55 -3.59 -11.07
C SER D 47 17.07 -3.33 -11.10
N LEU D 48 17.50 -2.13 -10.71
CA LEU D 48 18.94 -1.75 -10.65
C LEU D 48 19.47 -2.00 -9.23
N LEU D 49 18.78 -1.46 -8.23
CA LEU D 49 19.16 -1.55 -6.79
C LEU D 49 17.89 -1.66 -5.94
N LEU D 50 17.94 -2.44 -4.86
CA LEU D 50 16.88 -2.52 -3.82
C LEU D 50 17.53 -2.33 -2.45
N ILE D 51 17.27 -1.19 -1.82
CA ILE D 51 17.82 -0.81 -0.48
C ILE D 51 16.77 -1.16 0.57
N GLN D 52 17.10 -2.05 1.50
CA GLN D 52 16.21 -2.45 2.63
C GLN D 52 16.19 -1.30 3.64
N SER D 53 15.14 -1.24 4.45
CA SER D 53 14.93 -0.25 5.54
C SER D 53 16.20 -0.14 6.41
N SER D 54 16.86 -1.28 6.65
CA SER D 54 18.01 -1.42 7.58
C SER D 54 19.34 -1.03 6.91
N GLN D 55 19.32 -0.66 5.62
CA GLN D 55 20.54 -0.37 4.82
C GLN D 55 20.60 1.13 4.48
N ARG D 56 21.81 1.68 4.41
CA ARG D 56 22.08 3.11 4.10
C ARG D 56 22.39 3.28 2.60
N GLU D 57 22.84 2.22 1.93
CA GLU D 57 23.21 2.27 0.49
C GLU D 57 23.30 0.87 -0.11
N GLN D 58 23.27 0.81 -1.45
CA GLN D 58 23.54 -0.38 -2.28
C GLN D 58 24.40 0.04 -3.48
N THR D 59 25.39 -0.79 -3.84
CA THR D 59 26.33 -0.54 -4.97
C THR D 59 26.25 -1.72 -5.95
N SER D 60 26.22 -1.41 -7.25
CA SER D 60 26.30 -2.40 -8.37
C SER D 60 27.09 -1.77 -9.53
N GLY D 61 28.36 -2.13 -9.68
CA GLY D 61 29.27 -1.58 -10.70
C GLY D 61 29.39 -0.06 -10.58
N ARG D 62 28.92 0.67 -11.59
CA ARG D 62 29.02 2.15 -11.69
C ARG D 62 27.78 2.80 -11.02
N LEU D 63 26.86 1.97 -10.51
CA LEU D 63 25.61 2.41 -9.83
C LEU D 63 25.84 2.35 -8.31
N ASN D 64 25.59 3.47 -7.63
CA ASN D 64 25.54 3.58 -6.14
C ASN D 64 24.29 4.39 -5.77
N ALA D 65 23.48 3.89 -4.85
CA ALA D 65 22.25 4.55 -4.36
C ALA D 65 22.29 4.64 -2.83
N SER D 66 22.05 5.84 -2.29
CA SER D 66 21.95 6.12 -0.83
C SER D 66 20.48 6.08 -0.42
N LEU D 67 20.22 5.83 0.87
CA LEU D 67 18.88 5.91 1.48
C LEU D 67 19.00 6.68 2.80
N ASP D 68 18.26 7.80 2.91
CA ASP D 68 18.01 8.52 4.18
C ASP D 68 16.49 8.49 4.44
N LYS D 69 16.03 7.52 5.24
CA LYS D 69 14.63 7.37 5.68
C LYS D 69 14.14 8.65 6.38
N SER D 70 14.97 9.21 7.25
CA SER D 70 14.63 10.38 8.13
C SER D 70 14.22 11.59 7.27
N SER D 71 15.07 11.97 6.31
CA SER D 71 14.84 13.13 5.41
C SER D 71 13.96 12.71 4.22
N GLY D 72 13.66 11.42 4.07
CA GLY D 72 12.82 10.88 2.98
C GLY D 72 13.44 11.14 1.61
N ARG D 73 14.70 10.76 1.44
CA ARG D 73 15.49 11.03 0.21
C ARG D 73 16.31 9.81 -0.19
N SER D 74 16.44 9.57 -1.49
CA SER D 74 17.45 8.68 -2.10
C SER D 74 18.10 9.41 -3.28
N THR D 75 19.42 9.25 -3.45
CA THR D 75 20.20 9.75 -4.61
C THR D 75 20.83 8.54 -5.32
N LEU D 76 20.63 8.43 -6.63
CA LEU D 76 21.32 7.43 -7.49
C LEU D 76 22.54 8.09 -8.12
N TYR D 77 23.74 7.61 -7.77
CA TYR D 77 25.03 8.05 -8.34
C TYR D 77 25.38 7.12 -9.51
N ILE D 78 25.54 7.69 -10.71
CA ILE D 78 26.05 6.99 -11.93
C ILE D 78 27.45 7.52 -12.22
N ALA D 79 28.47 6.69 -12.01
CA ALA D 79 29.89 7.00 -12.26
C ALA D 79 30.18 6.85 -13.76
N ALA D 80 31.15 7.63 -14.27
CA ALA D 80 31.69 7.55 -15.65
C ALA D 80 30.58 7.17 -16.63
N SER D 81 29.60 8.05 -16.80
CA SER D 81 28.35 7.78 -17.56
C SER D 81 28.67 7.42 -19.02
N GLN D 82 27.91 6.48 -19.59
CA GLN D 82 28.03 6.02 -20.99
C GLN D 82 26.71 6.30 -21.70
N PRO D 83 26.70 6.46 -23.05
CA PRO D 83 25.45 6.61 -23.80
C PRO D 83 24.44 5.49 -23.51
N GLY D 84 24.94 4.27 -23.25
CA GLY D 84 24.14 3.08 -22.90
C GLY D 84 23.37 3.22 -21.58
N ASP D 85 23.72 4.22 -20.77
CA ASP D 85 23.00 4.58 -19.51
C ASP D 85 21.70 5.32 -19.84
N SER D 86 21.59 5.91 -21.04
CA SER D 86 20.40 6.67 -21.48
C SER D 86 19.16 5.78 -21.36
N ALA D 87 18.18 6.23 -20.57
CA ALA D 87 16.94 5.50 -20.23
C ALA D 87 16.11 6.34 -19.26
N THR D 88 14.91 5.88 -18.92
CA THR D 88 14.05 6.44 -17.84
C THR D 88 14.38 5.70 -16.54
N TYR D 89 14.75 6.44 -15.49
CA TYR D 89 15.07 5.89 -14.15
C TYR D 89 13.91 6.20 -13.20
N LEU D 90 13.25 5.14 -12.69
CA LEU D 90 12.08 5.24 -11.79
C LEU D 90 12.52 4.92 -10.36
N CYS D 91 12.19 5.81 -9.43
CA CYS D 91 12.29 5.58 -7.97
C CYS D 91 10.96 5.00 -7.47
N ALA D 92 11.02 3.90 -6.72
CA ALA D 92 9.85 3.22 -6.12
C ALA D 92 10.09 2.99 -4.62
N VAL D 93 9.10 3.33 -3.80
CA VAL D 93 9.17 3.18 -2.31
C VAL D 93 7.99 2.31 -1.87
N ASN D 94 8.26 1.29 -1.05
CA ASN D 94 7.28 0.31 -0.55
C ASN D 94 7.02 0.55 0.95
N ASN D 95 5.76 0.73 1.35
CA ASN D 95 5.32 0.71 2.77
C ASN D 95 3.96 0.01 2.84
N ALA D 96 3.47 -0.27 4.05
CA ALA D 96 2.28 -1.13 4.27
C ALA D 96 1.02 -0.47 3.68
N GLY D 97 0.80 0.81 4.00
CA GLY D 97 -0.43 1.56 3.68
C GLY D 97 -0.57 1.85 2.19
N ASN D 98 0.54 2.15 1.52
CA ASN D 98 0.57 2.62 0.10
C ASN D 98 1.06 1.51 -0.84
N MET D 99 1.84 0.54 -0.33
CA MET D 99 2.49 -0.53 -1.13
C MET D 99 3.44 0.14 -2.13
N LEU D 100 4.03 -0.61 -3.07
CA LEU D 100 5.11 -0.09 -3.95
C LEU D 100 4.57 1.12 -4.74
N THR D 101 5.11 2.31 -4.43
CA THR D 101 4.67 3.62 -4.96
C THR D 101 5.81 4.21 -5.80
N PHE D 102 5.49 4.69 -7.00
CA PHE D 102 6.48 5.09 -8.04
C PHE D 102 6.53 6.61 -8.18
N GLY D 103 7.74 7.18 -8.26
CA GLY D 103 7.98 8.55 -8.77
C GLY D 103 7.61 8.66 -10.24
N GLY D 104 7.63 9.88 -10.79
CA GLY D 104 7.34 10.16 -12.21
C GLY D 104 8.45 9.71 -13.13
N GLY D 105 9.68 9.60 -12.61
CA GLY D 105 10.87 9.14 -13.35
C GLY D 105 11.72 10.31 -13.84
N THR D 106 12.99 10.05 -14.15
CA THR D 106 13.92 11.00 -14.80
C THR D 106 14.40 10.39 -16.12
N ARG D 107 14.11 11.05 -17.25
CA ARG D 107 14.64 10.68 -18.59
C ARG D 107 16.10 11.14 -18.67
N LEU D 108 17.03 10.20 -18.53
CA LEU D 108 18.50 10.46 -18.64
C LEU D 108 18.92 10.37 -20.11
N MET D 109 19.43 11.48 -20.66
CA MET D 109 20.08 11.53 -22.00
C MET D 109 21.59 11.71 -21.78
N VAL D 110 22.39 10.68 -22.07
CA VAL D 110 23.88 10.71 -21.99
C VAL D 110 24.42 10.94 -23.40
N LYS D 111 24.88 12.18 -23.68
CA LYS D 111 25.23 12.66 -25.04
C LYS D 111 26.62 12.16 -25.41
N PRO D 112 26.79 11.53 -26.60
CA PRO D 112 28.10 11.05 -27.03
C PRO D 112 29.08 12.20 -27.32
N HIS D 113 30.34 12.05 -26.92
CA HIS D 113 31.45 13.01 -27.17
C HIS D 113 31.79 12.97 -28.66
N ILE D 114 31.79 14.13 -29.33
CA ILE D 114 32.15 14.30 -30.78
C ILE D 114 33.45 15.10 -30.85
N GLN D 115 34.58 14.39 -31.04
CA GLN D 115 35.95 14.97 -31.00
C GLN D 115 36.21 15.82 -32.25
N ASN D 116 35.57 15.49 -33.38
CA ASN D 116 35.83 16.16 -34.69
C ASN D 116 34.50 16.52 -35.35
N PRO D 117 33.76 17.52 -34.83
CA PRO D 117 32.56 18.02 -35.49
C PRO D 117 32.84 18.47 -36.93
N ASP D 118 31.90 18.18 -37.84
CA ASP D 118 31.99 18.53 -39.28
C ASP D 118 30.58 18.85 -39.79
N PRO D 119 29.89 19.85 -39.20
CA PRO D 119 28.47 20.09 -39.50
C PRO D 119 28.22 20.35 -41.00
N ALA D 120 27.19 19.71 -41.56
CA ALA D 120 26.81 19.82 -42.99
C ALA D 120 25.36 19.35 -43.17
N VAL D 121 24.70 19.88 -44.20
CA VAL D 121 23.32 19.48 -44.62
C VAL D 121 23.42 18.84 -46.00
N TYR D 122 23.11 17.55 -46.10
CA TYR D 122 23.13 16.75 -47.36
C TYR D 122 21.70 16.43 -47.77
N GLN D 123 21.48 16.30 -49.08
CA GLN D 123 20.20 15.85 -49.70
C GLN D 123 20.39 14.41 -50.20
N LEU D 124 19.47 13.51 -49.81
CA LEU D 124 19.47 12.09 -50.21
C LEU D 124 18.21 11.81 -51.04
N ARG D 125 18.35 11.15 -52.19
CA ARG D 125 17.23 10.74 -53.08
C ARG D 125 16.76 9.34 -52.68
N ASP D 126 15.48 9.05 -52.94
CA ASP D 126 14.85 7.74 -52.63
C ASP D 126 15.46 6.66 -53.53
N SER D 127 15.57 5.43 -53.02
CA SER D 127 16.20 4.27 -53.72
C SER D 127 15.32 3.78 -54.89
N LYS D 128 14.00 4.02 -54.83
CA LYS D 128 13.02 3.51 -55.82
C LYS D 128 12.58 4.63 -56.77
N SER D 129 12.10 5.76 -56.24
CA SER D 129 11.55 6.91 -57.00
C SER D 129 12.60 8.04 -57.09
N SER D 130 12.54 8.83 -58.17
CA SER D 130 13.38 10.04 -58.39
C SER D 130 12.73 11.26 -57.71
N ASP D 131 11.46 11.13 -57.32
CA ASP D 131 10.61 12.23 -56.80
C ASP D 131 11.03 12.57 -55.36
N LYS D 132 10.81 11.63 -54.44
CA LYS D 132 10.98 11.83 -52.97
C LYS D 132 12.46 12.01 -52.63
N SER D 133 12.78 13.02 -51.81
CA SER D 133 14.12 13.28 -51.25
C SER D 133 14.02 13.64 -49.76
N VAL D 134 15.12 13.48 -49.03
CA VAL D 134 15.25 13.79 -47.57
C VAL D 134 16.47 14.70 -47.39
N CYS D 135 16.44 15.57 -46.39
CA CYS D 135 17.60 16.41 -45.95
C CYS D 135 18.20 15.80 -44.68
N LEU D 136 19.51 15.61 -44.67
CA LEU D 136 20.28 15.06 -43.52
C LEU D 136 21.21 16.15 -42.97
N PHE D 137 20.97 16.57 -41.73
CA PHE D 137 21.88 17.40 -40.92
C PHE D 137 22.68 16.46 -40.00
N THR D 138 24.01 16.41 -40.15
CA THR D 138 24.88 15.40 -39.50
C THR D 138 26.23 16.02 -39.11
N ASP D 139 26.93 15.36 -38.18
CA ASP D 139 28.35 15.63 -37.81
C ASP D 139 28.46 16.88 -36.93
N PHE D 140 27.34 17.37 -36.39
CA PHE D 140 27.31 18.51 -35.43
C PHE D 140 27.63 17.98 -34.02
N ASP D 141 28.21 18.82 -33.16
CA ASP D 141 28.61 18.45 -31.77
C ASP D 141 27.35 18.29 -30.92
N SER D 142 27.47 17.60 -29.78
CA SER D 142 26.33 17.22 -28.90
C SER D 142 25.81 18.44 -28.12
N GLN D 143 26.49 19.58 -28.19
CA GLN D 143 26.07 20.84 -27.52
C GLN D 143 24.93 21.49 -28.33
N THR D 144 25.03 21.50 -29.66
CA THR D 144 24.00 22.06 -30.59
C THR D 144 22.75 21.17 -30.55
N ASN D 145 21.56 21.78 -30.61
CA ASN D 145 20.25 21.08 -30.51
C ASN D 145 19.39 21.45 -31.72
N VAL D 146 18.38 20.64 -32.02
CA VAL D 146 17.49 20.76 -33.22
C VAL D 146 16.03 20.73 -32.75
N SER D 147 15.25 21.76 -33.08
CA SER D 147 13.80 21.88 -32.81
C SER D 147 13.03 22.00 -34.13
N GLN D 148 11.69 21.88 -34.08
CA GLN D 148 10.80 21.85 -35.27
C GLN D 148 10.44 23.27 -35.68
N ASP D 151 6.32 25.72 -39.64
CA ASP D 151 5.58 25.28 -40.85
C ASP D 151 5.19 23.81 -40.68
N SER D 152 3.90 23.49 -40.82
CA SER D 152 3.31 22.15 -40.61
C SER D 152 3.46 21.28 -41.88
N ASP D 153 3.95 21.86 -42.98
CA ASP D 153 4.19 21.17 -44.27
C ASP D 153 5.59 20.55 -44.29
N VAL D 154 6.52 21.07 -43.48
CA VAL D 154 7.92 20.55 -43.34
C VAL D 154 8.09 19.94 -41.95
N TYR D 155 8.57 18.69 -41.89
CA TYR D 155 8.77 17.89 -40.66
C TYR D 155 10.26 17.81 -40.33
N ILE D 156 10.65 18.17 -39.10
CA ILE D 156 12.05 18.08 -38.60
C ILE D 156 12.05 17.20 -37.33
N THR D 157 12.87 16.14 -37.34
CA THR D 157 13.00 15.16 -36.25
C THR D 157 13.93 15.71 -35.17
N ASP D 158 13.92 15.10 -33.98
CA ASP D 158 14.90 15.36 -32.90
C ASP D 158 16.23 14.71 -33.32
N LYS D 159 17.36 15.21 -32.79
CA LYS D 159 18.68 14.57 -33.01
C LYS D 159 18.62 13.16 -32.41
N CYS D 160 18.93 12.13 -33.22
CA CYS D 160 18.72 10.70 -32.90
C CYS D 160 19.57 10.29 -31.69
N VAL D 161 19.18 9.19 -31.04
CA VAL D 161 19.99 8.50 -29.99
C VAL D 161 20.69 7.32 -30.66
N LEU D 162 21.97 7.11 -30.35
CA LEU D 162 22.81 6.03 -30.93
C LEU D 162 22.22 4.68 -30.50
N ASP D 163 22.29 3.67 -31.38
CA ASP D 163 22.04 2.25 -31.03
C ASP D 163 23.05 1.88 -29.93
N MET D 164 22.56 1.54 -28.74
CA MET D 164 23.40 1.37 -27.52
CA MET D 164 23.37 1.33 -27.49
C MET D 164 24.21 0.05 -27.61
N ARG D 165 24.36 -0.50 -28.83
CA ARG D 165 25.26 -1.64 -29.12
C ARG D 165 26.13 -1.30 -30.34
N SER D 166 26.37 0.00 -30.59
CA SER D 166 27.16 0.53 -31.72
C SER D 166 28.66 0.54 -31.36
N MET D 167 29.53 0.27 -32.33
CA MET D 167 31.00 0.15 -32.14
C MET D 167 31.76 0.83 -33.30
N ASP D 168 31.10 1.72 -34.06
CA ASP D 168 31.65 2.32 -35.30
C ASP D 168 30.71 3.44 -35.78
N PHE D 169 31.24 4.38 -36.58
CA PHE D 169 30.52 5.49 -37.25
C PHE D 169 29.43 6.07 -36.31
N LYS D 170 29.87 6.58 -35.15
CA LYS D 170 28.98 7.25 -34.15
C LYS D 170 29.10 8.77 -34.30
N SER D 171 28.00 9.42 -34.65
CA SER D 171 27.88 10.90 -34.83
C SER D 171 26.41 11.31 -34.72
N ASN D 172 26.15 12.58 -34.40
CA ASN D 172 24.78 13.14 -34.25
C ASN D 172 24.21 13.41 -35.64
N SER D 173 22.90 13.23 -35.81
CA SER D 173 22.17 13.56 -37.05
C SER D 173 20.69 13.86 -36.76
N ALA D 174 20.09 14.72 -37.58
CA ALA D 174 18.64 15.02 -37.65
C ALA D 174 18.20 14.94 -39.11
N VAL D 175 16.92 14.64 -39.35
CA VAL D 175 16.33 14.45 -40.71
C VAL D 175 15.18 15.46 -40.88
N ALA D 176 15.05 16.02 -42.08
CA ALA D 176 13.96 16.95 -42.49
C ALA D 176 13.44 16.55 -43.88
N TRP D 177 12.12 16.58 -44.06
CA TRP D 177 11.44 16.27 -45.36
C TRP D 177 10.13 17.06 -45.47
N SER D 178 9.58 17.13 -46.68
CA SER D 178 8.37 17.91 -47.04
C SER D 178 7.85 17.50 -48.44
N ASN D 179 6.71 18.05 -48.85
CA ASN D 179 6.05 17.79 -50.15
C ASN D 179 5.82 19.12 -50.88
N ASP D 182 7.55 22.58 -53.17
CA ASP D 182 9.03 22.44 -53.28
C ASP D 182 9.70 23.13 -52.09
N PHE D 183 10.50 22.39 -51.31
CA PHE D 183 11.31 22.89 -50.17
C PHE D 183 12.78 22.47 -50.40
N ALA D 184 13.73 23.32 -50.00
CA ALA D 184 15.18 23.15 -50.20
C ALA D 184 15.85 22.79 -48.87
N CYS D 185 16.93 22.00 -48.93
CA CYS D 185 17.67 21.47 -47.75
C CYS D 185 18.56 22.55 -47.13
N ALA D 186 19.17 23.40 -47.96
CA ALA D 186 20.11 24.48 -47.55
C ALA D 186 19.54 25.28 -46.38
N ASN D 187 18.23 25.59 -46.42
CA ASN D 187 17.52 26.43 -45.41
C ASN D 187 16.81 25.55 -44.37
N ALA D 188 16.38 24.35 -44.77
CA ALA D 188 15.55 23.39 -43.98
C ALA D 188 15.86 23.50 -42.47
N PHE D 189 17.14 23.56 -42.09
CA PHE D 189 17.62 23.64 -40.69
C PHE D 189 18.09 25.07 -40.41
N ALA E 3 9.62 -18.57 -15.48
CA ALA E 3 8.22 -18.15 -15.80
C ALA E 3 7.92 -16.80 -15.13
N GLY E 4 8.04 -16.74 -13.79
CA GLY E 4 7.72 -15.55 -12.99
C GLY E 4 6.26 -15.17 -13.14
N VAL E 5 6.00 -13.95 -13.63
CA VAL E 5 4.63 -13.39 -13.88
C VAL E 5 4.41 -13.31 -15.40
N THR E 6 3.40 -14.02 -15.90
CA THR E 6 3.02 -14.09 -17.34
C THR E 6 1.76 -13.25 -17.56
N GLN E 7 1.86 -12.23 -18.41
CA GLN E 7 0.83 -11.17 -18.62
C GLN E 7 0.49 -11.13 -20.11
N THR E 8 -0.77 -11.36 -20.48
CA THR E 8 -1.25 -11.37 -21.89
C THR E 8 -2.51 -10.51 -22.02
N PRO E 9 -2.77 -9.90 -23.21
CA PRO E 9 -1.84 -9.89 -24.32
C PRO E 9 -0.75 -8.82 -24.18
N LYS E 10 0.33 -8.92 -24.95
CA LYS E 10 1.49 -7.98 -24.92
C LYS E 10 1.05 -6.62 -25.46
N PHE E 11 0.02 -6.58 -26.32
CA PHE E 11 -0.57 -5.34 -26.88
C PHE E 11 -1.99 -5.62 -27.37
N ARG E 12 -2.76 -4.56 -27.61
CA ARG E 12 -4.16 -4.64 -28.11
C ARG E 12 -4.63 -3.24 -28.51
N ILE E 13 -5.16 -3.11 -29.73
CA ILE E 13 -5.94 -1.93 -30.20
C ILE E 13 -7.43 -2.26 -29.99
N LEU E 14 -8.17 -1.33 -29.37
CA LEU E 14 -9.56 -1.55 -28.88
C LEU E 14 -10.40 -0.30 -29.15
N LYS E 15 -11.54 -0.45 -29.83
CA LYS E 15 -12.47 0.67 -30.14
C LYS E 15 -13.19 1.10 -28.85
N ILE E 16 -13.50 2.39 -28.73
CA ILE E 16 -14.22 2.99 -27.56
C ILE E 16 -15.48 2.15 -27.28
N GLY E 17 -15.66 1.72 -26.03
CA GLY E 17 -16.88 1.05 -25.55
C GLY E 17 -16.80 -0.46 -25.65
N GLN E 18 -15.72 -1.01 -26.22
CA GLN E 18 -15.51 -2.48 -26.33
C GLN E 18 -14.87 -3.00 -25.03
N SER E 19 -15.14 -4.26 -24.69
CA SER E 19 -14.63 -4.94 -23.47
C SER E 19 -13.31 -5.67 -23.79
N MET E 20 -12.42 -5.75 -22.80
CA MET E 20 -11.15 -6.52 -22.85
C MET E 20 -10.81 -7.03 -21.44
N THR E 21 -10.25 -8.24 -21.35
CA THR E 21 -9.67 -8.81 -20.11
C THR E 21 -8.15 -8.98 -20.34
N LEU E 22 -7.33 -8.30 -19.52
CA LEU E 22 -5.87 -8.56 -19.40
C LEU E 22 -5.67 -9.71 -18.41
N GLN E 23 -5.07 -10.82 -18.87
CA GLN E 23 -4.75 -12.00 -18.02
C GLN E 23 -3.40 -11.74 -17.35
N CYS E 24 -3.24 -12.25 -16.13
CA CYS E 24 -1.97 -12.24 -15.35
C CYS E 24 -1.90 -13.51 -14.50
N THR E 25 -0.85 -14.31 -14.68
CA THR E 25 -0.67 -15.64 -14.02
C THR E 25 0.73 -15.72 -13.43
N GLN E 26 0.84 -16.30 -12.22
CA GLN E 26 2.11 -16.67 -11.55
C GLN E 26 1.92 -18.04 -10.88
N ASP E 27 2.96 -18.87 -10.87
CA ASP E 27 2.95 -20.25 -10.31
C ASP E 27 3.84 -20.30 -9.07
N MET E 28 4.17 -19.15 -8.49
CA MET E 28 5.12 -19.02 -7.35
C MET E 28 4.34 -19.07 -6.01
N ASN E 29 3.01 -19.16 -6.09
CA ASN E 29 2.11 -19.30 -4.92
C ASN E 29 2.10 -17.98 -4.13
N HIS E 30 2.34 -16.86 -4.82
CA HIS E 30 2.37 -15.49 -4.23
C HIS E 30 0.94 -15.10 -3.83
N ASN E 31 0.75 -14.69 -2.57
CA ASN E 31 -0.55 -14.23 -2.03
C ASN E 31 -0.89 -12.85 -2.60
N TYR E 32 0.13 -12.01 -2.83
CA TYR E 32 -0.03 -10.60 -3.25
C TYR E 32 0.12 -10.51 -4.77
N MET E 33 -0.85 -9.89 -5.43
CA MET E 33 -0.81 -9.57 -6.89
C MET E 33 -1.35 -8.15 -7.08
N TYR E 34 -0.81 -7.44 -8.08
CA TYR E 34 -1.00 -5.98 -8.28
C TYR E 34 -1.21 -5.68 -9.76
N TRP E 35 -2.08 -4.71 -10.07
CA TRP E 35 -2.22 -4.10 -11.41
C TRP E 35 -1.86 -2.61 -11.33
N TYR E 36 -0.93 -2.18 -12.19
CA TYR E 36 -0.50 -0.77 -12.37
C TYR E 36 -0.77 -0.32 -13.81
N ARG E 37 -0.94 0.99 -14.01
CA ARG E 37 -0.92 1.63 -15.35
C ARG E 37 0.16 2.73 -15.36
N GLN E 38 0.76 2.97 -16.52
CA GLN E 38 1.84 3.96 -16.75
C GLN E 38 1.57 4.72 -18.06
N ASP E 39 1.26 6.01 -17.97
CA ASP E 39 1.08 6.93 -19.13
C ASP E 39 2.45 7.39 -19.60
N PRO E 40 2.59 7.93 -20.84
CA PRO E 40 3.88 8.40 -21.34
C PRO E 40 4.59 9.40 -20.41
N GLY E 41 5.86 9.13 -20.10
CA GLY E 41 6.73 10.00 -19.28
C GLY E 41 6.24 10.12 -17.84
N MET E 42 5.50 9.14 -17.35
CA MET E 42 4.97 9.09 -15.95
C MET E 42 5.48 7.83 -15.26
N GLY E 43 5.19 7.70 -13.96
CA GLY E 43 5.46 6.50 -13.15
C GLY E 43 4.27 5.55 -13.17
N LEU E 44 4.46 4.35 -12.61
CA LEU E 44 3.39 3.33 -12.46
C LEU E 44 2.41 3.81 -11.38
N LYS E 45 1.11 3.60 -11.60
CA LYS E 45 0.01 3.96 -10.66
C LYS E 45 -0.81 2.70 -10.37
N LEU E 46 -0.96 2.33 -9.10
CA LEU E 46 -1.68 1.11 -8.67
C LEU E 46 -3.17 1.29 -8.96
N ILE E 47 -3.75 0.37 -9.73
CA ILE E 47 -5.20 0.32 -10.09
C ILE E 47 -5.93 -0.49 -9.01
N TYR E 48 -5.54 -1.75 -8.84
CA TYR E 48 -6.15 -2.75 -7.92
C TYR E 48 -5.04 -3.66 -7.38
N TYR E 49 -5.27 -4.26 -6.21
CA TYR E 49 -4.39 -5.29 -5.60
C TYR E 49 -5.23 -6.36 -4.93
N SER E 50 -4.60 -7.52 -4.66
CA SER E 50 -5.20 -8.69 -3.97
C SER E 50 -4.17 -9.27 -3.02
N VAL E 51 -4.53 -9.48 -1.75
CA VAL E 51 -3.63 -10.01 -0.68
C VAL E 51 -3.85 -11.52 -0.52
N GLY E 52 -4.67 -12.13 -1.39
CA GLY E 52 -4.88 -13.59 -1.45
C GLY E 52 -6.10 -13.96 -2.25
N ALA E 53 -6.30 -15.27 -2.46
CA ALA E 53 -7.50 -15.85 -3.09
C ALA E 53 -8.73 -15.40 -2.30
N GLY E 54 -9.74 -14.86 -3.00
CA GLY E 54 -11.07 -14.55 -2.44
C GLY E 54 -11.26 -13.10 -2.06
N ILE E 55 -10.24 -12.24 -2.25
CA ILE E 55 -10.33 -10.79 -1.94
C ILE E 55 -9.60 -9.95 -2.99
N THR E 56 -10.20 -8.80 -3.34
CA THR E 56 -9.57 -7.68 -4.11
C THR E 56 -9.82 -6.37 -3.35
N ASP E 57 -8.98 -5.36 -3.59
CA ASP E 57 -9.06 -4.03 -2.91
C ASP E 57 -8.59 -2.95 -3.88
N LYS E 58 -9.28 -1.81 -3.88
CA LYS E 58 -9.03 -0.65 -4.78
C LYS E 58 -7.65 -0.05 -4.49
N GLY E 59 -6.91 0.33 -5.53
CA GLY E 59 -5.65 1.07 -5.44
C GLY E 59 -5.88 2.57 -5.53
N GLU E 60 -4.96 3.28 -6.17
CA GLU E 60 -4.99 4.76 -6.35
C GLU E 60 -5.99 5.15 -7.44
N VAL E 61 -6.06 4.39 -8.54
CA VAL E 61 -6.84 4.75 -9.77
C VAL E 61 -7.70 3.57 -10.22
N PRO E 62 -8.67 3.10 -9.38
CA PRO E 62 -9.47 1.93 -9.69
C PRO E 62 -10.61 2.17 -10.70
N ASN E 63 -11.05 3.43 -10.85
CA ASN E 63 -12.28 3.81 -11.60
C ASN E 63 -12.16 3.38 -13.07
N GLY E 64 -13.22 2.78 -13.60
CA GLY E 64 -13.32 2.29 -14.99
C GLY E 64 -12.75 0.89 -15.16
N TYR E 65 -12.31 0.25 -14.07
CA TYR E 65 -11.63 -1.07 -14.07
C TYR E 65 -12.34 -2.02 -13.10
N ASN E 66 -12.17 -3.33 -13.33
CA ASN E 66 -12.64 -4.43 -12.44
C ASN E 66 -11.59 -5.54 -12.41
N VAL E 67 -11.50 -6.23 -11.28
CA VAL E 67 -10.57 -7.38 -11.05
C VAL E 67 -11.34 -8.50 -10.34
N SER E 68 -10.70 -9.66 -10.18
CA SER E 68 -11.20 -10.83 -9.42
C SER E 68 -10.01 -11.75 -9.08
N ARG E 69 -10.15 -12.56 -8.03
CA ARG E 69 -9.07 -13.45 -7.51
C ARG E 69 -9.73 -14.68 -6.87
N SER E 70 -10.33 -15.54 -7.69
CA SER E 70 -10.93 -16.84 -7.28
C SER E 70 -9.81 -17.80 -6.87
N THR E 71 -8.62 -17.65 -7.46
CA THR E 71 -7.44 -18.54 -7.26
C THR E 71 -6.18 -17.71 -6.99
N THR E 72 -5.21 -18.34 -6.31
CA THR E 72 -3.86 -17.77 -6.01
C THR E 72 -3.14 -17.40 -7.30
N GLU E 73 -3.34 -18.20 -8.36
CA GLU E 73 -2.55 -18.15 -9.62
C GLU E 73 -2.88 -16.90 -10.44
N ASP E 74 -4.16 -16.52 -10.53
CA ASP E 74 -4.66 -15.57 -11.55
C ASP E 74 -5.28 -14.33 -10.92
N PHE E 75 -5.00 -13.17 -11.51
CA PHE E 75 -5.54 -11.83 -11.14
C PHE E 75 -5.87 -11.10 -12.44
N PRO E 76 -6.98 -11.45 -13.13
CA PRO E 76 -7.36 -10.77 -14.38
C PRO E 76 -7.95 -9.38 -14.17
N LEU E 77 -7.61 -8.44 -15.04
CA LEU E 77 -8.11 -7.04 -15.07
C LEU E 77 -9.09 -6.87 -16.24
N ARG E 78 -10.32 -6.42 -15.96
CA ARG E 78 -11.41 -6.23 -16.95
C ARG E 78 -11.63 -4.74 -17.21
N LEU E 79 -11.71 -4.37 -18.49
CA LEU E 79 -12.20 -3.05 -18.97
C LEU E 79 -13.58 -3.28 -19.62
N GLU E 80 -14.66 -2.91 -18.93
CA GLU E 80 -16.06 -3.13 -19.38
C GLU E 80 -16.32 -2.31 -20.65
N SER E 81 -16.10 -1.00 -20.56
CA SER E 81 -16.36 0.01 -21.62
C SER E 81 -15.11 0.87 -21.84
N ALA E 82 -14.25 0.45 -22.77
CA ALA E 82 -12.94 1.08 -23.09
C ALA E 82 -13.14 2.57 -23.36
N ALA E 83 -12.50 3.43 -22.57
CA ALA E 83 -12.54 4.91 -22.68
C ALA E 83 -11.22 5.41 -23.25
N PRO E 84 -11.18 6.62 -23.87
CA PRO E 84 -9.94 7.20 -24.38
C PRO E 84 -8.85 7.33 -23.30
N SER E 85 -9.26 7.64 -22.06
CA SER E 85 -8.38 7.87 -20.89
C SER E 85 -7.66 6.57 -20.48
N GLN E 86 -8.13 5.41 -20.95
CA GLN E 86 -7.58 4.08 -20.60
C GLN E 86 -6.46 3.67 -21.57
N THR E 87 -6.16 4.50 -22.59
CA THR E 87 -4.91 4.40 -23.40
C THR E 87 -3.73 4.55 -22.42
N SER E 88 -2.94 3.49 -22.26
CA SER E 88 -1.84 3.39 -21.27
C SER E 88 -1.07 2.08 -21.46
N VAL E 89 0.01 1.89 -20.70
CA VAL E 89 0.73 0.60 -20.57
C VAL E 89 0.42 0.03 -19.18
N TYR E 90 -0.05 -1.21 -19.13
CA TYR E 90 -0.50 -1.91 -17.89
C TYR E 90 0.57 -2.93 -17.48
N PHE E 91 0.95 -2.91 -16.20
CA PHE E 91 1.92 -3.85 -15.59
C PHE E 91 1.24 -4.58 -14.43
N CYS E 92 1.15 -5.90 -14.54
CA CYS E 92 0.78 -6.81 -13.43
C CYS E 92 2.06 -7.16 -12.67
N ALA E 93 1.93 -7.46 -11.37
CA ALA E 93 3.05 -7.83 -10.48
C ALA E 93 2.55 -8.75 -9.36
N SER E 94 3.48 -9.44 -8.69
CA SER E 94 3.21 -10.32 -7.52
C SER E 94 4.34 -10.20 -6.50
N SER E 95 4.10 -10.64 -5.27
CA SER E 95 5.11 -10.73 -4.18
C SER E 95 4.69 -11.80 -3.17
N GLU E 96 5.66 -12.43 -2.51
CA GLU E 96 5.43 -13.49 -1.49
C GLU E 96 4.87 -12.85 -0.21
N THR E 97 5.36 -11.66 0.14
CA THR E 97 4.92 -10.85 1.30
C THR E 97 4.69 -9.39 0.87
N ARG E 98 4.01 -8.62 1.71
CA ARG E 98 3.73 -7.18 1.53
C ARG E 98 5.04 -6.41 1.46
N GLY E 99 5.97 -6.71 2.37
CA GLY E 99 7.31 -6.12 2.48
C GLY E 99 8.16 -6.40 1.25
N ALA E 100 7.95 -7.54 0.59
CA ALA E 100 8.63 -7.94 -0.66
C ALA E 100 10.12 -7.64 -0.59
N PRO E 101 10.85 -8.30 0.34
CA PRO E 101 12.30 -8.08 0.47
C PRO E 101 13.12 -8.47 -0.77
N TYR E 102 12.59 -9.34 -1.63
CA TYR E 102 13.22 -9.71 -2.94
C TYR E 102 12.64 -8.83 -4.05
N GLY E 103 11.77 -7.88 -3.70
CA GLY E 103 11.09 -6.97 -4.64
C GLY E 103 9.94 -7.67 -5.37
N TYR E 104 9.01 -6.86 -5.90
CA TYR E 104 7.87 -7.33 -6.73
C TYR E 104 8.42 -8.07 -7.97
N THR E 105 7.70 -9.11 -8.41
CA THR E 105 7.90 -9.74 -9.74
C THR E 105 6.91 -9.08 -10.71
N PHE E 106 7.43 -8.37 -11.71
CA PHE E 106 6.63 -7.63 -12.72
C PHE E 106 6.47 -8.47 -13.99
N GLY E 107 5.29 -8.38 -14.61
CA GLY E 107 5.05 -8.86 -15.99
C GLY E 107 5.72 -7.96 -17.01
N SER E 108 5.71 -8.37 -18.28
CA SER E 108 6.45 -7.71 -19.38
C SER E 108 5.74 -6.41 -19.80
N GLY E 109 4.43 -6.32 -19.54
CA GLY E 109 3.62 -5.12 -19.82
C GLY E 109 2.64 -5.35 -20.96
N THR E 110 1.52 -4.61 -20.94
CA THR E 110 0.45 -4.64 -21.97
C THR E 110 0.19 -3.22 -22.46
N ARG E 111 0.53 -2.91 -23.71
CA ARG E 111 0.21 -1.61 -24.35
C ARG E 111 -1.21 -1.69 -24.95
N LEU E 112 -2.14 -0.96 -24.35
CA LEU E 112 -3.53 -0.79 -24.85
C LEU E 112 -3.63 0.60 -25.50
N THR E 113 -4.12 0.65 -26.75
CA THR E 113 -4.51 1.90 -27.46
C THR E 113 -6.03 1.86 -27.66
N VAL E 114 -6.73 2.90 -27.18
CA VAL E 114 -8.20 3.07 -27.37
C VAL E 114 -8.42 4.13 -28.45
N VAL E 115 -9.23 3.78 -29.47
CA VAL E 115 -9.42 4.56 -30.73
C VAL E 115 -10.91 4.83 -30.93
N GLU E 116 -11.25 5.97 -31.55
CA GLU E 116 -12.63 6.34 -31.95
C GLU E 116 -13.20 5.26 -32.88
N ASP E 117 -12.35 4.72 -33.77
CA ASP E 117 -12.70 3.59 -34.67
C ASP E 117 -11.40 2.95 -35.20
N LEU E 118 -11.50 1.72 -35.71
CA LEU E 118 -10.37 0.91 -36.24
C LEU E 118 -9.83 1.56 -37.53
N ASN E 119 -10.63 2.43 -38.17
CA ASN E 119 -10.27 3.19 -39.40
C ASN E 119 -9.09 4.14 -39.11
N LYS E 120 -8.84 4.48 -37.85
CA LYS E 120 -7.76 5.39 -37.40
C LYS E 120 -6.40 4.66 -37.41
N VAL E 121 -6.39 3.34 -37.62
CA VAL E 121 -5.18 2.47 -37.57
C VAL E 121 -4.61 2.34 -38.99
N PHE E 122 -3.33 2.70 -39.16
CA PHE E 122 -2.60 2.65 -40.45
C PHE E 122 -1.24 1.98 -40.24
N PRO E 123 -0.80 1.09 -41.16
CA PRO E 123 0.57 0.56 -41.12
C PRO E 123 1.56 1.61 -41.62
N PRO E 124 2.87 1.48 -41.32
CA PRO E 124 3.86 2.43 -41.83
C PRO E 124 4.14 2.22 -43.33
N GLU E 125 4.27 3.32 -44.08
CA GLU E 125 4.95 3.36 -45.40
C GLU E 125 6.44 3.57 -45.12
N VAL E 126 7.32 2.85 -45.83
CA VAL E 126 8.78 2.79 -45.53
C VAL E 126 9.58 3.01 -46.83
N ALA E 127 10.54 3.94 -46.78
CA ALA E 127 11.47 4.28 -47.88
C ALA E 127 12.88 4.41 -47.31
N VAL E 128 13.88 3.96 -48.08
CA VAL E 128 15.33 4.12 -47.78
C VAL E 128 15.91 5.14 -48.78
N PHE E 129 16.59 6.17 -48.27
CA PHE E 129 17.22 7.24 -49.09
C PHE E 129 18.72 6.96 -49.17
N GLU E 130 19.27 7.03 -50.39
CA GLU E 130 20.68 6.64 -50.69
C GLU E 130 21.62 7.74 -50.24
N PRO E 131 22.86 7.40 -49.79
CA PRO E 131 23.82 8.41 -49.34
C PRO E 131 24.14 9.48 -50.39
N SER E 132 24.35 10.72 -49.93
CA SER E 132 24.70 11.91 -50.75
C SER E 132 26.13 11.76 -51.28
N GLU E 133 26.34 12.04 -52.56
CA GLU E 133 27.68 12.04 -53.20
C GLU E 133 28.57 13.09 -52.51
N ALA E 134 27.99 14.24 -52.16
CA ALA E 134 28.64 15.34 -51.40
C ALA E 134 29.20 14.79 -50.07
N GLU E 135 28.40 14.04 -49.33
CA GLU E 135 28.80 13.42 -48.04
C GLU E 135 30.02 12.52 -48.28
N ILE E 136 29.88 11.57 -49.21
CA ILE E 136 30.90 10.54 -49.52
C ILE E 136 32.24 11.24 -49.82
N SER E 137 32.23 12.26 -50.68
CA SER E 137 33.47 12.93 -51.16
C SER E 137 34.02 13.86 -50.07
N HIS E 138 33.19 14.32 -49.13
CA HIS E 138 33.61 15.25 -48.04
C HIS E 138 34.13 14.47 -46.83
N THR E 139 33.56 13.31 -46.50
CA THR E 139 33.83 12.59 -45.22
C THR E 139 34.39 11.17 -45.45
N GLN E 140 34.24 10.61 -46.65
CA GLN E 140 34.59 9.19 -46.98
C GLN E 140 33.64 8.25 -46.24
N LYS E 141 32.44 8.73 -45.89
CA LYS E 141 31.40 7.98 -45.15
C LYS E 141 30.06 8.13 -45.89
N ALA E 142 29.17 7.14 -45.74
CA ALA E 142 27.90 7.01 -46.48
C ALA E 142 26.75 6.75 -45.49
N THR E 143 25.89 7.76 -45.30
CA THR E 143 24.72 7.68 -44.38
C THR E 143 23.47 7.37 -45.19
N LEU E 144 22.88 6.19 -44.97
CA LEU E 144 21.54 5.82 -45.46
C LEU E 144 20.51 6.36 -44.47
N VAL E 145 19.40 6.89 -44.96
CA VAL E 145 18.25 7.36 -44.13
C VAL E 145 17.05 6.47 -44.45
N CYS E 146 16.47 5.87 -43.42
CA CYS E 146 15.15 5.17 -43.49
C CYS E 146 14.08 6.07 -42.87
N LEU E 147 12.92 6.14 -43.51
CA LEU E 147 11.79 7.01 -43.12
C LEU E 147 10.50 6.19 -43.18
N ALA E 148 9.92 5.89 -42.01
CA ALA E 148 8.59 5.29 -41.85
C ALA E 148 7.58 6.41 -41.62
N THR E 149 6.51 6.47 -42.42
CA THR E 149 5.51 7.57 -42.41
C THR E 149 4.08 7.01 -42.33
N GLY E 150 3.16 7.82 -41.79
CA GLY E 150 1.70 7.60 -41.83
C GLY E 150 1.25 6.36 -41.08
N PHE E 151 1.85 6.05 -39.93
CA PHE E 151 1.44 4.90 -39.07
C PHE E 151 0.74 5.40 -37.81
N TYR E 152 -0.26 4.64 -37.36
CA TYR E 152 -0.98 4.80 -36.06
C TYR E 152 -1.46 3.42 -35.60
N PRO E 153 -1.29 3.05 -34.31
CA PRO E 153 -0.64 3.88 -33.30
C PRO E 153 0.89 3.93 -33.42
N ASP E 154 1.55 4.64 -32.49
CA ASP E 154 3.02 4.87 -32.47
C ASP E 154 3.72 3.70 -31.78
N HIS E 155 3.45 2.47 -32.22
CA HIS E 155 4.06 1.23 -31.67
C HIS E 155 4.75 0.48 -32.81
N VAL E 156 6.02 0.81 -33.08
CA VAL E 156 6.85 0.19 -34.16
C VAL E 156 8.23 -0.14 -33.60
N GLU E 157 8.91 -1.10 -34.23
CA GLU E 157 10.34 -1.44 -33.98
C GLU E 157 11.10 -1.40 -35.31
N LEU E 158 11.99 -0.41 -35.46
CA LEU E 158 12.81 -0.19 -36.68
C LEU E 158 14.18 -0.86 -36.47
N SER E 159 14.61 -1.67 -37.44
CA SER E 159 15.94 -2.34 -37.46
C SER E 159 16.55 -2.25 -38.86
N TRP E 160 17.88 -2.20 -38.94
CA TRP E 160 18.66 -2.25 -40.20
C TRP E 160 19.21 -3.66 -40.40
N TRP E 161 19.08 -4.20 -41.62
CA TRP E 161 19.60 -5.54 -42.01
C TRP E 161 20.57 -5.37 -43.20
N VAL E 162 21.86 -5.66 -42.98
CA VAL E 162 22.94 -5.55 -44.00
C VAL E 162 23.36 -6.97 -44.42
N ASN E 163 23.08 -7.35 -45.67
CA ASN E 163 23.43 -8.67 -46.26
C ASN E 163 22.82 -9.78 -45.40
N GLY E 164 21.58 -9.59 -44.92
CA GLY E 164 20.76 -10.64 -44.29
C GLY E 164 20.92 -10.72 -42.78
N LYS E 165 21.84 -9.93 -42.19
CA LYS E 165 22.12 -9.91 -40.72
C LYS E 165 21.81 -8.52 -40.16
N GLU E 166 21.13 -8.46 -39.00
CA GLU E 166 20.80 -7.19 -38.29
C GLU E 166 22.10 -6.51 -37.85
N VAL E 167 22.19 -5.19 -38.01
CA VAL E 167 23.37 -4.37 -37.62
C VAL E 167 22.94 -3.36 -36.55
N HIS E 168 23.93 -2.87 -35.79
CA HIS E 168 23.76 -1.88 -34.68
C HIS E 168 24.83 -0.79 -34.79
N SER E 169 26.07 -1.17 -35.14
CA SER E 169 27.18 -0.24 -35.47
C SER E 169 26.74 0.70 -36.59
N GLY E 170 26.84 2.01 -36.36
CA GLY E 170 26.51 3.06 -37.34
C GLY E 170 25.02 3.38 -37.37
N VAL E 171 24.21 2.71 -36.53
CA VAL E 171 22.73 2.90 -36.49
C VAL E 171 22.41 3.98 -35.45
N CYS E 172 21.47 4.87 -35.79
CA CYS E 172 21.01 6.01 -34.96
C CYS E 172 19.53 6.27 -35.27
N THR E 173 18.63 5.95 -34.35
CA THR E 173 17.16 6.04 -34.52
C THR E 173 16.63 7.20 -33.67
N ASP E 174 15.62 7.91 -34.20
CA ASP E 174 14.89 8.99 -33.47
C ASP E 174 14.44 8.44 -32.11
N PRO E 175 14.52 9.24 -31.02
CA PRO E 175 14.20 8.74 -29.68
C PRO E 175 12.75 8.25 -29.60
N GLN E 176 11.83 8.94 -30.27
CA GLN E 176 10.37 8.64 -30.29
C GLN E 176 9.79 9.04 -31.65
N PRO E 177 8.72 8.38 -32.15
CA PRO E 177 8.05 8.83 -33.37
C PRO E 177 7.55 10.29 -33.29
N LEU E 178 7.49 10.94 -34.44
CA LEU E 178 7.09 12.36 -34.62
C LEU E 178 5.62 12.41 -35.05
N LYS E 179 4.87 13.42 -34.59
CA LYS E 179 3.45 13.66 -34.98
C LYS E 179 3.43 14.46 -36.28
N GLU E 180 2.78 13.90 -37.31
CA GLU E 180 2.55 14.59 -38.63
C GLU E 180 1.61 15.78 -38.43
N GLN E 181 0.71 15.71 -37.44
CA GLN E 181 -0.27 16.77 -37.09
C GLN E 181 -0.28 16.96 -35.57
N PRO E 182 0.74 17.65 -34.99
CA PRO E 182 0.89 17.75 -33.54
C PRO E 182 -0.39 18.09 -32.75
N ALA E 183 -1.22 18.98 -33.27
CA ALA E 183 -2.45 19.51 -32.64
C ALA E 183 -3.47 18.38 -32.43
N LEU E 184 -3.57 17.44 -33.38
CA LEU E 184 -4.60 16.37 -33.40
C LEU E 184 -4.24 15.27 -32.40
N ASN E 185 -5.25 14.64 -31.79
CA ASN E 185 -5.11 13.52 -30.82
C ASN E 185 -4.86 12.21 -31.57
N ASP E 186 -5.40 12.09 -32.79
CA ASP E 186 -5.43 10.84 -33.60
C ASP E 186 -4.36 10.90 -34.71
N SER E 187 -3.40 11.83 -34.61
CA SER E 187 -2.37 12.11 -35.65
C SER E 187 -1.57 10.85 -35.96
N ARG E 188 -1.42 10.52 -37.25
CA ARG E 188 -0.47 9.49 -37.74
C ARG E 188 0.96 9.96 -37.42
N TYR E 189 1.90 9.01 -37.30
CA TYR E 189 3.28 9.26 -36.84
C TYR E 189 4.29 8.99 -37.96
N ALA E 190 5.47 9.61 -37.84
CA ALA E 190 6.66 9.38 -38.68
C ALA E 190 7.84 9.03 -37.77
N LEU E 191 8.73 8.15 -38.25
CA LEU E 191 9.97 7.75 -37.53
C LEU E 191 11.11 7.60 -38.55
N SER E 192 12.25 8.23 -38.28
CA SER E 192 13.46 8.19 -39.14
C SER E 192 14.60 7.48 -38.40
N SER E 193 15.49 6.83 -39.15
CA SER E 193 16.70 6.14 -38.65
C SER E 193 17.83 6.29 -39.68
N ARG E 194 19.08 6.31 -39.21
CA ARG E 194 20.29 6.42 -40.06
C ARG E 194 21.15 5.16 -39.87
N LEU E 195 21.68 4.64 -40.98
CA LEU E 195 22.78 3.64 -41.01
C LEU E 195 23.96 4.27 -41.76
N ARG E 196 25.08 4.48 -41.07
CA ARG E 196 26.28 5.12 -41.66
C ARG E 196 27.37 4.05 -41.81
N VAL E 197 27.91 3.91 -43.02
CA VAL E 197 28.99 2.94 -43.38
C VAL E 197 30.08 3.68 -44.14
N SER E 198 31.23 3.02 -44.33
CA SER E 198 32.37 3.51 -45.14
C SER E 198 31.93 3.73 -46.59
N ALA E 199 32.54 4.70 -47.27
CA ALA E 199 32.40 4.91 -48.73
C ALA E 199 32.57 3.57 -49.45
N THR E 200 33.58 2.80 -49.05
CA THR E 200 33.94 1.46 -49.61
C THR E 200 32.71 0.55 -49.58
N PHE E 201 32.08 0.41 -48.41
CA PHE E 201 30.98 -0.56 -48.17
C PHE E 201 29.74 -0.15 -49.00
N TRP E 202 29.50 1.15 -49.18
CA TRP E 202 28.38 1.66 -50.02
C TRP E 202 28.72 1.49 -51.51
N GLN E 203 29.95 1.86 -51.90
CA GLN E 203 30.38 1.90 -53.33
C GLN E 203 30.83 0.49 -53.76
N ASP E 204 29.89 -0.45 -53.63
CA ASP E 204 30.09 -1.92 -53.85
C ASP E 204 28.72 -2.54 -54.10
N PRO E 205 28.45 -3.10 -55.31
CA PRO E 205 27.12 -3.59 -55.64
C PRO E 205 26.74 -4.94 -54.99
N ARG E 206 27.64 -5.50 -54.17
CA ARG E 206 27.45 -6.81 -53.48
C ARG E 206 26.76 -6.60 -52.12
N ASN E 207 26.66 -5.36 -51.64
CA ASN E 207 26.13 -5.03 -50.29
C ASN E 207 24.65 -4.65 -50.39
N HIS E 208 23.82 -5.26 -49.55
CA HIS E 208 22.34 -5.16 -49.50
C HIS E 208 21.93 -4.51 -48.17
N PHE E 209 21.18 -3.41 -48.22
CA PHE E 209 20.72 -2.63 -47.04
C PHE E 209 19.19 -2.64 -46.97
N ARG E 210 18.63 -3.20 -45.90
CA ARG E 210 17.16 -3.28 -45.67
C ARG E 210 16.80 -2.60 -44.35
N CYS E 211 15.88 -1.63 -44.39
CA CYS E 211 15.22 -1.03 -43.20
C CYS E 211 13.91 -1.77 -42.92
N GLN E 212 13.84 -2.47 -41.78
CA GLN E 212 12.70 -3.33 -41.37
C GLN E 212 11.94 -2.64 -40.23
N VAL E 213 10.67 -2.32 -40.45
CA VAL E 213 9.77 -1.68 -39.43
C VAL E 213 8.67 -2.67 -39.04
N GLN E 214 8.80 -3.28 -37.85
CA GLN E 214 7.74 -4.09 -37.20
C GLN E 214 6.64 -3.13 -36.75
N PHE E 215 5.40 -3.37 -37.17
CA PHE E 215 4.20 -2.59 -36.76
C PHE E 215 3.26 -3.50 -35.96
N TYR E 216 2.79 -3.01 -34.80
CA TYR E 216 1.81 -3.69 -33.92
C TYR E 216 0.43 -3.05 -34.15
N GLY E 217 -0.46 -3.79 -34.84
CA GLY E 217 -1.77 -3.31 -35.30
C GLY E 217 -2.90 -4.23 -34.86
N LEU E 218 -3.96 -4.32 -35.68
CA LEU E 218 -5.16 -5.16 -35.43
C LEU E 218 -4.78 -6.64 -35.47
N SER E 219 -5.60 -7.50 -34.87
CA SER E 219 -5.51 -8.99 -34.97
C SER E 219 -6.32 -9.46 -36.19
N GLU E 220 -6.46 -10.77 -36.36
CA GLU E 220 -7.16 -11.40 -37.51
C GLU E 220 -8.66 -11.55 -37.21
N ASN E 221 -9.04 -11.64 -35.92
CA ASN E 221 -10.45 -11.78 -35.47
C ASN E 221 -11.12 -10.40 -35.40
N ASP E 222 -10.38 -9.33 -35.69
CA ASP E 222 -10.93 -7.95 -35.84
C ASP E 222 -11.71 -7.87 -37.15
N GLU E 223 -12.87 -7.20 -37.13
CA GLU E 223 -13.75 -6.97 -38.31
C GLU E 223 -13.25 -5.76 -39.10
N TRP E 224 -13.41 -5.79 -40.42
CA TRP E 224 -12.92 -4.74 -41.37
C TRP E 224 -13.82 -4.71 -42.61
N THR E 225 -14.35 -3.54 -42.96
CA THR E 225 -15.31 -3.33 -44.08
C THR E 225 -14.87 -2.13 -44.95
N GLN E 226 -13.58 -1.77 -44.92
CA GLN E 226 -13.00 -0.64 -45.69
C GLN E 226 -12.20 -1.19 -46.88
N ASP E 227 -12.06 -0.38 -47.94
CA ASP E 227 -11.41 -0.75 -49.22
C ASP E 227 -9.95 -1.16 -48.98
N ARG E 228 -9.17 -0.30 -48.30
CA ARG E 228 -7.72 -0.51 -48.06
C ARG E 228 -7.52 -1.79 -47.23
N ALA E 229 -6.31 -2.34 -47.25
CA ALA E 229 -5.93 -3.60 -46.55
C ALA E 229 -6.13 -3.44 -45.04
N LYS E 230 -6.61 -4.50 -44.37
CA LYS E 230 -6.77 -4.55 -42.90
C LYS E 230 -5.41 -4.26 -42.27
N PRO E 231 -5.28 -3.18 -41.46
CA PRO E 231 -3.97 -2.75 -40.93
C PRO E 231 -3.51 -3.67 -39.78
N VAL E 232 -3.24 -4.94 -40.11
CA VAL E 232 -2.88 -6.01 -39.13
C VAL E 232 -1.41 -5.86 -38.75
N THR E 233 -1.02 -6.38 -37.58
CA THR E 233 0.38 -6.54 -37.13
C THR E 233 1.18 -7.15 -38.29
N GLN E 234 2.28 -6.50 -38.69
CA GLN E 234 3.07 -6.90 -39.88
C GLN E 234 4.45 -6.21 -39.87
N ILE E 235 5.30 -6.59 -40.81
CA ILE E 235 6.64 -5.99 -41.08
C ILE E 235 6.58 -5.33 -42.46
N VAL E 236 6.83 -4.01 -42.52
CA VAL E 236 6.96 -3.25 -43.80
C VAL E 236 8.44 -2.86 -43.95
N SER E 237 9.02 -3.13 -45.13
CA SER E 237 10.46 -2.97 -45.43
C SER E 237 10.65 -2.14 -46.71
N ALA E 238 11.71 -1.33 -46.74
CA ALA E 238 12.32 -0.73 -47.95
C ALA E 238 13.81 -1.10 -47.93
N GLU E 239 14.41 -1.22 -49.12
CA GLU E 239 15.79 -1.74 -49.30
C GLU E 239 16.52 -0.94 -50.38
N ALA E 240 17.84 -0.83 -50.23
CA ALA E 240 18.76 -0.19 -51.20
C ALA E 240 19.96 -1.12 -51.41
N TRP E 241 20.58 -1.02 -52.59
CA TRP E 241 21.79 -1.78 -52.96
C TRP E 241 22.93 -0.79 -53.24
N GLY E 242 24.12 -1.09 -52.72
CA GLY E 242 25.36 -0.37 -53.07
C GLY E 242 25.61 -0.41 -54.57
N ARG E 243 26.46 0.48 -55.08
CA ARG E 243 26.83 0.54 -56.53
C ARG E 243 28.14 1.32 -56.68
N ALA E 244 28.99 0.89 -57.61
CA ALA E 244 30.30 1.49 -57.93
C ALA E 244 30.22 2.33 -59.21
N ASP E 245 29.26 2.05 -60.10
CA ASP E 245 29.07 2.78 -61.38
C ASP E 245 28.14 3.99 -61.15
#